data_1MM0
#
_entry.id   1MM0
#
_entity_poly.entity_id   1
_entity_poly.type   'polypeptide(L)'
_entity_poly.pdbx_seq_one_letter_code
;ACNFQSCWATCQAQHSIYFRRAFCDRSQCKCVFVRG
;
_entity_poly.pdbx_strand_id   A
#
# COMPACT_ATOMS: atom_id res chain seq x y z
N ALA A 1 -13.75 -2.67 -6.62
CA ALA A 1 -12.87 -3.84 -6.44
C ALA A 1 -11.50 -3.44 -5.91
N CYS A 2 -10.94 -4.28 -5.05
CA CYS A 2 -9.64 -4.02 -4.46
C CYS A 2 -8.86 -5.32 -4.34
N ASN A 3 -7.57 -5.28 -4.65
CA ASN A 3 -6.74 -6.48 -4.59
C ASN A 3 -5.54 -6.23 -3.70
N PHE A 4 -5.32 -7.15 -2.76
CA PHE A 4 -4.22 -7.05 -1.81
C PHE A 4 -2.86 -7.07 -2.49
N GLN A 5 -2.62 -8.08 -3.31
CA GLN A 5 -1.34 -8.23 -4.00
C GLN A 5 -1.06 -7.04 -4.92
N SER A 6 -2.07 -6.64 -5.69
CA SER A 6 -1.93 -5.51 -6.60
C SER A 6 -1.65 -4.23 -5.83
N CYS A 7 -2.38 -4.05 -4.72
CA CYS A 7 -2.22 -2.88 -3.88
C CYS A 7 -0.82 -2.86 -3.28
N TRP A 8 -0.38 -4.01 -2.79
CA TRP A 8 0.95 -4.15 -2.20
C TRP A 8 2.02 -3.72 -3.19
N ALA A 9 1.94 -4.26 -4.41
CA ALA A 9 2.90 -3.94 -5.46
C ALA A 9 2.90 -2.44 -5.77
N THR A 10 1.72 -1.87 -5.90
CA THR A 10 1.58 -0.45 -6.19
C THR A 10 2.18 0.41 -5.08
N CYS A 11 1.83 0.10 -3.84
CA CYS A 11 2.34 0.83 -2.68
C CYS A 11 3.84 0.65 -2.50
N GLN A 12 4.32 -0.57 -2.66
CA GLN A 12 5.74 -0.87 -2.51
C GLN A 12 6.57 -0.21 -3.59
N ALA A 13 6.05 -0.21 -4.82
CA ALA A 13 6.76 0.38 -5.94
C ALA A 13 7.02 1.87 -5.74
N GLN A 14 6.00 2.59 -5.33
CA GLN A 14 6.11 4.03 -5.12
C GLN A 14 6.84 4.37 -3.82
N HIS A 15 6.37 3.82 -2.71
CA HIS A 15 6.98 4.09 -1.41
C HIS A 15 8.33 3.39 -1.28
N SER A 16 9.29 4.08 -0.68
CA SER A 16 10.64 3.54 -0.51
C SER A 16 10.76 2.68 0.74
N ILE A 17 11.83 2.91 1.51
CA ILE A 17 12.09 2.17 2.73
C ILE A 17 11.16 2.61 3.86
N TYR A 18 10.27 3.53 3.55
CA TYR A 18 9.32 4.04 4.52
C TYR A 18 7.99 3.30 4.37
N PHE A 19 7.94 2.45 3.36
CA PHE A 19 6.77 1.64 3.09
C PHE A 19 6.59 0.61 4.21
N ARG A 20 5.41 0.59 4.80
CA ARG A 20 5.14 -0.36 5.87
C ARG A 20 4.39 -1.55 5.29
N ARG A 21 3.11 -1.36 5.03
CA ARG A 21 2.30 -2.42 4.44
C ARG A 21 1.30 -1.82 3.47
N ALA A 22 0.58 -2.68 2.80
CA ALA A 22 -0.44 -2.29 1.85
C ALA A 22 -1.60 -3.24 1.98
N PHE A 23 -2.81 -2.75 1.80
CA PHE A 23 -3.99 -3.60 1.92
C PHE A 23 -5.21 -2.91 1.33
N CYS A 24 -6.34 -3.58 1.39
CA CYS A 24 -7.57 -3.00 0.91
C CYS A 24 -8.36 -2.44 2.07
N ASP A 25 -8.50 -1.13 2.07
CA ASP A 25 -9.23 -0.43 3.10
C ASP A 25 -10.62 -0.17 2.58
N ARG A 26 -11.61 -0.80 3.21
CA ARG A 26 -13.00 -0.71 2.78
C ARG A 26 -13.14 -1.36 1.40
N SER A 27 -12.90 -0.60 0.36
CA SER A 27 -12.95 -1.11 -1.01
C SER A 27 -11.98 -0.30 -1.87
N GLN A 28 -10.92 0.18 -1.24
CA GLN A 28 -9.91 0.98 -1.91
C GLN A 28 -8.51 0.55 -1.48
N CYS A 29 -7.57 0.67 -2.39
CA CYS A 29 -6.17 0.32 -2.10
C CYS A 29 -5.59 1.36 -1.16
N LYS A 30 -5.10 0.92 -0.01
CA LYS A 30 -4.53 1.84 0.97
C LYS A 30 -3.06 1.54 1.20
N CYS A 31 -2.23 2.56 1.04
CA CYS A 31 -0.80 2.42 1.23
C CYS A 31 -0.40 2.94 2.61
N VAL A 32 0.40 2.18 3.31
CA VAL A 32 0.87 2.57 4.63
C VAL A 32 2.35 2.92 4.55
N PHE A 33 2.70 4.08 5.09
CA PHE A 33 4.07 4.56 5.05
C PHE A 33 4.29 5.62 6.10
N VAL A 34 5.51 5.71 6.58
CA VAL A 34 5.86 6.70 7.58
C VAL A 34 6.53 7.90 6.95
N ARG A 35 6.46 9.01 7.65
CA ARG A 35 7.06 10.25 7.18
C ARG A 35 8.48 10.38 7.72
N GLY A 36 8.65 10.02 8.98
CA GLY A 36 9.95 10.08 9.60
C GLY A 36 9.93 9.46 10.98
N ALA A 1 -12.14 -1.22 -8.23
CA ALA A 1 -11.07 -2.25 -8.31
C ALA A 1 -10.13 -2.12 -7.13
N CYS A 2 -10.02 -3.19 -6.35
CA CYS A 2 -9.14 -3.21 -5.19
C CYS A 2 -8.69 -4.63 -4.90
N ASN A 3 -7.39 -4.82 -4.79
CA ASN A 3 -6.83 -6.14 -4.53
C ASN A 3 -5.64 -6.01 -3.57
N PHE A 4 -5.54 -6.92 -2.62
CA PHE A 4 -4.46 -6.89 -1.63
C PHE A 4 -3.07 -6.93 -2.26
N GLN A 5 -2.81 -7.95 -3.05
CA GLN A 5 -1.51 -8.12 -3.71
C GLN A 5 -1.22 -6.93 -4.63
N SER A 6 -2.25 -6.47 -5.33
CA SER A 6 -2.10 -5.34 -6.23
C SER A 6 -1.79 -4.08 -5.42
N CYS A 7 -2.54 -3.90 -4.33
CA CYS A 7 -2.36 -2.76 -3.45
C CYS A 7 -0.94 -2.75 -2.88
N TRP A 8 -0.46 -3.93 -2.49
CA TRP A 8 0.89 -4.07 -1.96
C TRP A 8 1.90 -3.55 -2.95
N ALA A 9 1.78 -3.98 -4.20
CA ALA A 9 2.68 -3.56 -5.25
C ALA A 9 2.60 -2.05 -5.48
N THR A 10 1.37 -1.53 -5.50
CA THR A 10 1.14 -0.10 -5.70
C THR A 10 1.83 0.73 -4.61
N CYS A 11 1.57 0.39 -3.36
CA CYS A 11 2.15 1.10 -2.23
C CYS A 11 3.67 0.88 -2.16
N GLN A 12 4.10 -0.33 -2.51
CA GLN A 12 5.52 -0.69 -2.49
C GLN A 12 6.31 0.11 -3.53
N ALA A 13 5.71 0.29 -4.69
CA ALA A 13 6.36 1.02 -5.78
C ALA A 13 6.45 2.51 -5.48
N GLN A 14 5.33 3.09 -5.04
CA GLN A 14 5.29 4.51 -4.74
C GLN A 14 6.12 4.86 -3.51
N HIS A 15 5.89 4.16 -2.41
CA HIS A 15 6.60 4.41 -1.16
C HIS A 15 7.96 3.73 -1.15
N SER A 16 8.97 4.46 -0.70
CA SER A 16 10.33 3.96 -0.64
C SER A 16 10.55 3.04 0.58
N ILE A 17 11.67 3.21 1.28
CA ILE A 17 12.00 2.38 2.44
C ILE A 17 11.13 2.73 3.65
N TYR A 18 10.21 3.66 3.47
CA TYR A 18 9.33 4.07 4.55
C TYR A 18 8.02 3.30 4.45
N PHE A 19 7.92 2.50 3.39
CA PHE A 19 6.75 1.67 3.15
C PHE A 19 6.67 0.59 4.22
N ARG A 20 5.54 0.50 4.88
CA ARG A 20 5.35 -0.50 5.92
C ARG A 20 4.59 -1.68 5.34
N ARG A 21 3.29 -1.51 5.15
CA ARG A 21 2.46 -2.54 4.58
C ARG A 21 1.40 -1.92 3.68
N ALA A 22 0.65 -2.76 3.01
CA ALA A 22 -0.41 -2.32 2.13
C ALA A 22 -1.57 -3.28 2.25
N PHE A 23 -2.78 -2.77 2.16
CA PHE A 23 -3.95 -3.62 2.27
C PHE A 23 -5.15 -2.95 1.62
N CYS A 24 -6.13 -3.76 1.28
CA CYS A 24 -7.33 -3.26 0.66
C CYS A 24 -8.42 -3.09 1.71
N ASP A 25 -8.85 -1.85 1.89
CA ASP A 25 -9.89 -1.55 2.83
C ASP A 25 -11.16 -1.21 2.09
N ARG A 26 -12.22 -2.00 2.33
CA ARG A 26 -13.50 -1.81 1.66
C ARG A 26 -13.35 -2.03 0.16
N SER A 27 -13.01 -0.97 -0.55
CA SER A 27 -12.80 -1.01 -1.98
C SER A 27 -11.77 0.05 -2.36
N GLN A 28 -10.84 0.29 -1.45
CA GLN A 28 -9.80 1.29 -1.65
C GLN A 28 -8.46 0.76 -1.14
N CYS A 29 -7.42 0.93 -1.93
CA CYS A 29 -6.09 0.50 -1.54
C CYS A 29 -5.52 1.48 -0.52
N LYS A 30 -5.16 0.98 0.66
CA LYS A 30 -4.62 1.82 1.69
C LYS A 30 -3.15 1.51 1.90
N CYS A 31 -2.33 2.55 1.82
CA CYS A 31 -0.89 2.40 1.97
C CYS A 31 -0.42 2.80 3.36
N VAL A 32 0.43 1.99 3.95
CA VAL A 32 0.98 2.27 5.26
C VAL A 32 2.43 2.66 5.12
N PHE A 33 2.80 3.76 5.75
CA PHE A 33 4.16 4.29 5.65
C PHE A 33 4.43 5.32 6.74
N VAL A 34 5.70 5.50 7.04
CA VAL A 34 6.11 6.47 8.04
C VAL A 34 6.54 7.76 7.36
N ARG A 35 6.49 8.84 8.12
CA ARG A 35 6.86 10.16 7.60
C ARG A 35 7.66 10.94 8.64
N GLY A 36 8.64 10.30 9.23
CA GLY A 36 9.47 10.95 10.23
C GLY A 36 10.39 11.98 9.60
N ALA A 1 -13.98 -3.19 -6.40
CA ALA A 1 -12.97 -4.26 -6.55
C ALA A 1 -11.60 -3.76 -6.12
N CYS A 2 -10.89 -4.59 -5.37
CA CYS A 2 -9.56 -4.25 -4.88
C CYS A 2 -8.75 -5.53 -4.70
N ASN A 3 -7.46 -5.46 -5.01
CA ASN A 3 -6.60 -6.62 -4.91
C ASN A 3 -5.46 -6.36 -3.92
N PHE A 4 -5.31 -7.27 -2.97
CA PHE A 4 -4.28 -7.16 -1.94
C PHE A 4 -2.88 -7.17 -2.53
N GLN A 5 -2.59 -8.15 -3.38
CA GLN A 5 -1.28 -8.27 -3.99
C GLN A 5 -0.96 -7.03 -4.83
N SER A 6 -1.92 -6.60 -5.64
CA SER A 6 -1.76 -5.42 -6.46
C SER A 6 -1.55 -4.19 -5.58
N CYS A 7 -2.33 -4.09 -4.51
CA CYS A 7 -2.21 -2.97 -3.58
C CYS A 7 -0.82 -2.96 -2.96
N TRP A 8 -0.38 -4.13 -2.51
CA TRP A 8 0.95 -4.28 -1.90
C TRP A 8 2.02 -3.84 -2.90
N ALA A 9 1.91 -4.33 -4.13
CA ALA A 9 2.85 -4.02 -5.18
C ALA A 9 2.86 -2.51 -5.47
N THR A 10 1.68 -1.92 -5.54
CA THR A 10 1.56 -0.49 -5.80
C THR A 10 2.19 0.33 -4.68
N CYS A 11 1.81 0.03 -3.45
CA CYS A 11 2.34 0.74 -2.29
C CYS A 11 3.86 0.55 -2.18
N GLN A 12 4.33 -0.65 -2.47
CA GLN A 12 5.76 -0.96 -2.41
C GLN A 12 6.54 -0.21 -3.48
N ALA A 13 5.97 -0.12 -4.67
CA ALA A 13 6.60 0.57 -5.78
C ALA A 13 6.58 2.08 -5.56
N GLN A 14 5.47 2.57 -5.04
CA GLN A 14 5.27 3.98 -4.80
C GLN A 14 6.11 4.47 -3.62
N HIS A 15 5.95 3.82 -2.48
CA HIS A 15 6.67 4.18 -1.27
C HIS A 15 8.03 3.48 -1.23
N SER A 16 9.05 4.21 -0.81
CA SER A 16 10.40 3.68 -0.73
C SER A 16 10.64 2.87 0.54
N ILE A 17 11.74 3.19 1.24
CA ILE A 17 12.11 2.51 2.48
C ILE A 17 11.18 2.88 3.63
N TYR A 18 10.21 3.74 3.34
CA TYR A 18 9.26 4.18 4.35
C TYR A 18 7.99 3.34 4.26
N PHE A 19 7.92 2.51 3.23
CA PHE A 19 6.79 1.63 3.03
C PHE A 19 6.69 0.63 4.16
N ARG A 20 5.54 0.56 4.79
CA ARG A 20 5.33 -0.38 5.88
C ARG A 20 4.56 -1.59 5.37
N ARG A 21 3.27 -1.41 5.16
CA ARG A 21 2.42 -2.47 4.65
C ARG A 21 1.38 -1.89 3.70
N ALA A 22 0.60 -2.77 3.10
CA ALA A 22 -0.45 -2.38 2.18
C ALA A 22 -1.65 -3.27 2.38
N PHE A 23 -2.83 -2.72 2.19
CA PHE A 23 -4.06 -3.47 2.35
C PHE A 23 -5.21 -2.75 1.67
N CYS A 24 -6.32 -3.45 1.46
CA CYS A 24 -7.47 -2.84 0.85
C CYS A 24 -8.47 -2.43 1.93
N ASP A 25 -8.76 -1.15 1.96
CA ASP A 25 -9.71 -0.61 2.90
C ASP A 25 -10.94 -0.21 2.14
N ARG A 26 -12.10 -0.62 2.61
CA ARG A 26 -13.37 -0.33 1.95
C ARG A 26 -13.38 -1.00 0.59
N SER A 27 -13.00 -0.26 -0.43
CA SER A 27 -12.92 -0.76 -1.79
C SER A 27 -11.84 0.00 -2.53
N GLN A 28 -10.83 0.43 -1.78
CA GLN A 28 -9.71 1.18 -2.33
C GLN A 28 -8.40 0.72 -1.69
N CYS A 29 -7.34 0.75 -2.48
CA CYS A 29 -6.02 0.36 -2.00
C CYS A 29 -5.50 1.39 -1.00
N LYS A 30 -5.05 0.92 0.15
CA LYS A 30 -4.54 1.81 1.19
C LYS A 30 -3.07 1.50 1.45
N CYS A 31 -2.24 2.52 1.39
CA CYS A 31 -0.82 2.37 1.62
C CYS A 31 -0.44 2.84 3.01
N VAL A 32 0.39 2.05 3.67
CA VAL A 32 0.87 2.37 5.00
C VAL A 32 2.35 2.70 4.91
N PHE A 33 2.77 3.78 5.54
CA PHE A 33 4.15 4.20 5.47
C PHE A 33 4.53 5.11 6.62
N VAL A 34 5.80 5.17 6.90
CA VAL A 34 6.32 6.01 7.96
C VAL A 34 6.86 7.31 7.38
N ARG A 35 7.13 8.26 8.26
CA ARG A 35 7.64 9.56 7.86
C ARG A 35 8.48 10.16 8.98
N GLY A 36 9.42 9.37 9.47
CA GLY A 36 10.29 9.82 10.54
C GLY A 36 11.37 10.75 10.03
N ALA A 1 -11.15 -1.09 -8.88
CA ALA A 1 -10.38 -2.34 -8.71
C ALA A 1 -9.49 -2.25 -7.49
N CYS A 2 -9.55 -3.25 -6.63
CA CYS A 2 -8.74 -3.26 -5.42
C CYS A 2 -8.40 -4.69 -5.03
N ASN A 3 -7.12 -4.95 -4.85
CA ASN A 3 -6.64 -6.25 -4.47
C ASN A 3 -5.49 -6.11 -3.48
N PHE A 4 -5.43 -7.01 -2.52
CA PHE A 4 -4.38 -6.97 -1.50
C PHE A 4 -2.99 -7.00 -2.15
N GLN A 5 -2.79 -7.94 -3.05
CA GLN A 5 -1.52 -8.08 -3.74
C GLN A 5 -1.22 -6.90 -4.65
N SER A 6 -2.22 -6.45 -5.40
CA SER A 6 -2.03 -5.31 -6.29
C SER A 6 -1.73 -4.04 -5.50
N CYS A 7 -2.48 -3.85 -4.42
CA CYS A 7 -2.30 -2.70 -3.56
C CYS A 7 -0.91 -2.71 -2.94
N TRP A 8 -0.48 -3.90 -2.49
CA TRP A 8 0.83 -4.07 -1.89
C TRP A 8 1.91 -3.63 -2.87
N ALA A 9 1.79 -4.07 -4.11
CA ALA A 9 2.75 -3.72 -5.15
C ALA A 9 2.74 -2.22 -5.41
N THR A 10 1.54 -1.65 -5.50
CA THR A 10 1.37 -0.23 -5.74
C THR A 10 1.98 0.60 -4.61
N CYS A 11 1.63 0.27 -3.38
CA CYS A 11 2.15 0.98 -2.21
C CYS A 11 3.66 0.81 -2.10
N GLN A 12 4.14 -0.38 -2.40
CA GLN A 12 5.57 -0.67 -2.33
C GLN A 12 6.35 0.13 -3.38
N ALA A 13 5.76 0.29 -4.55
CA ALA A 13 6.40 1.05 -5.63
C ALA A 13 6.29 2.55 -5.38
N GLN A 14 5.09 2.98 -4.99
CA GLN A 14 4.82 4.38 -4.72
C GLN A 14 5.66 4.90 -3.55
N HIS A 15 5.65 4.16 -2.45
CA HIS A 15 6.40 4.55 -1.27
C HIS A 15 7.80 3.95 -1.31
N SER A 16 8.77 4.74 -0.89
CA SER A 16 10.17 4.32 -0.92
C SER A 16 10.51 3.38 0.24
N ILE A 17 11.67 3.59 0.85
CA ILE A 17 12.15 2.75 1.94
C ILE A 17 11.34 2.90 3.22
N TYR A 18 10.37 3.80 3.23
CA TYR A 18 9.55 4.02 4.41
C TYR A 18 8.23 3.26 4.29
N PHE A 19 8.13 2.41 3.28
CA PHE A 19 6.94 1.61 3.06
C PHE A 19 6.82 0.56 4.17
N ARG A 20 5.68 0.53 4.83
CA ARG A 20 5.47 -0.42 5.90
C ARG A 20 4.65 -1.60 5.39
N ARG A 21 3.35 -1.38 5.23
CA ARG A 21 2.47 -2.43 4.74
C ARG A 21 1.42 -1.85 3.82
N ALA A 22 0.69 -2.71 3.14
CA ALA A 22 -0.36 -2.31 2.23
C ALA A 22 -1.51 -3.28 2.33
N PHE A 23 -2.72 -2.78 2.13
CA PHE A 23 -3.91 -3.62 2.21
C PHE A 23 -5.08 -2.94 1.53
N CYS A 24 -6.08 -3.72 1.18
CA CYS A 24 -7.25 -3.18 0.55
C CYS A 24 -8.33 -2.98 1.60
N ASP A 25 -8.69 -1.73 1.83
CA ASP A 25 -9.70 -1.39 2.82
C ASP A 25 -11.02 -1.13 2.10
N ARG A 26 -12.01 -1.96 2.43
CA ARG A 26 -13.33 -1.87 1.81
C ARG A 26 -13.24 -2.18 0.32
N SER A 27 -12.95 -1.16 -0.47
CA SER A 27 -12.81 -1.31 -1.90
C SER A 27 -11.82 -0.25 -2.40
N GLN A 28 -10.85 0.08 -1.54
CA GLN A 28 -9.85 1.09 -1.86
C GLN A 28 -8.48 0.66 -1.35
N CYS A 29 -7.46 0.89 -2.15
CA CYS A 29 -6.09 0.54 -1.79
C CYS A 29 -5.60 1.47 -0.67
N LYS A 30 -5.10 0.90 0.40
CA LYS A 30 -4.62 1.68 1.52
C LYS A 30 -3.13 1.43 1.75
N CYS A 31 -2.34 2.48 1.68
CA CYS A 31 -0.90 2.37 1.87
C CYS A 31 -0.49 2.81 3.27
N VAL A 32 0.37 2.02 3.90
CA VAL A 32 0.87 2.32 5.22
C VAL A 32 2.36 2.61 5.13
N PHE A 33 2.77 3.74 5.68
CA PHE A 33 4.17 4.14 5.61
C PHE A 33 4.52 5.16 6.68
N VAL A 34 5.78 5.17 7.05
CA VAL A 34 6.28 6.11 8.04
C VAL A 34 6.96 7.29 7.35
N ARG A 35 7.23 8.33 8.10
CA ARG A 35 7.88 9.53 7.55
C ARG A 35 8.72 10.22 8.60
N GLY A 36 9.48 9.44 9.35
CA GLY A 36 10.33 9.98 10.37
C GLY A 36 11.01 8.88 11.16
N ALA A 1 -13.60 -3.13 -6.61
CA ALA A 1 -12.52 -4.07 -7.00
C ALA A 1 -11.19 -3.62 -6.40
N CYS A 2 -10.57 -4.52 -5.65
CA CYS A 2 -9.29 -4.23 -5.01
C CYS A 2 -8.51 -5.52 -4.81
N ASN A 3 -7.21 -5.45 -4.99
CA ASN A 3 -6.36 -6.62 -4.82
C ASN A 3 -5.27 -6.34 -3.79
N PHE A 4 -5.18 -7.21 -2.79
CA PHE A 4 -4.21 -7.07 -1.71
C PHE A 4 -2.76 -7.05 -2.23
N GLN A 5 -2.41 -8.05 -3.01
CA GLN A 5 -1.06 -8.16 -3.55
C GLN A 5 -0.76 -7.00 -4.50
N SER A 6 -1.72 -6.66 -5.35
CA SER A 6 -1.55 -5.56 -6.29
C SER A 6 -1.38 -4.25 -5.53
N CYS A 7 -2.15 -4.08 -4.47
CA CYS A 7 -2.07 -2.89 -3.63
C CYS A 7 -0.70 -2.84 -2.96
N TRP A 8 -0.26 -3.99 -2.46
CA TRP A 8 1.03 -4.10 -1.81
C TRP A 8 2.15 -3.66 -2.74
N ALA A 9 2.11 -4.18 -3.97
CA ALA A 9 3.10 -3.83 -4.98
C ALA A 9 3.05 -2.35 -5.32
N THR A 10 1.83 -1.84 -5.48
CA THR A 10 1.62 -0.43 -5.81
C THR A 10 2.15 0.49 -4.71
N CYS A 11 1.77 0.21 -3.47
CA CYS A 11 2.20 1.00 -2.33
C CYS A 11 3.70 0.91 -2.14
N GLN A 12 4.25 -0.28 -2.28
CA GLN A 12 5.68 -0.50 -2.11
C GLN A 12 6.48 0.23 -3.21
N ALA A 13 5.92 0.28 -4.40
CA ALA A 13 6.59 0.93 -5.52
C ALA A 13 6.72 2.44 -5.29
N GLN A 14 5.62 3.06 -4.86
CA GLN A 14 5.61 4.49 -4.61
C GLN A 14 6.29 4.84 -3.30
N HIS A 15 5.94 4.13 -2.24
CA HIS A 15 6.51 4.36 -0.92
C HIS A 15 7.61 3.34 -0.64
N SER A 16 8.53 3.19 -1.56
CA SER A 16 9.60 2.20 -1.43
C SER A 16 10.45 2.34 -0.16
N ILE A 17 11.09 3.48 0.01
CA ILE A 17 11.99 3.70 1.15
C ILE A 17 11.34 3.64 2.52
N TYR A 18 10.10 4.06 2.64
CA TYR A 18 9.43 4.04 3.95
C TYR A 18 8.16 3.21 3.91
N PHE A 19 8.18 2.16 3.12
CA PHE A 19 7.02 1.28 2.99
C PHE A 19 6.78 0.50 4.27
N ARG A 20 5.54 0.50 4.73
CA ARG A 20 5.18 -0.26 5.90
C ARG A 20 4.36 -1.47 5.47
N ARG A 21 3.08 -1.25 5.24
CA ARG A 21 2.21 -2.32 4.77
C ARG A 21 1.19 -1.77 3.79
N ALA A 22 0.48 -2.66 3.11
CA ALA A 22 -0.53 -2.27 2.15
C ALA A 22 -1.70 -3.23 2.24
N PHE A 23 -2.89 -2.74 1.97
CA PHE A 23 -4.09 -3.57 2.04
C PHE A 23 -5.26 -2.88 1.36
N CYS A 24 -6.36 -3.60 1.23
CA CYS A 24 -7.55 -3.02 0.64
C CYS A 24 -8.49 -2.54 1.72
N ASP A 25 -8.82 -1.27 1.66
CA ASP A 25 -9.72 -0.66 2.61
C ASP A 25 -11.03 -0.37 1.91
N ARG A 26 -12.08 -1.05 2.35
CA ARG A 26 -13.41 -0.93 1.75
C ARG A 26 -13.39 -1.45 0.32
N SER A 27 -12.99 -0.59 -0.61
CA SER A 27 -12.88 -0.95 -2.01
C SER A 27 -11.80 -0.12 -2.67
N GLN A 28 -10.81 0.28 -1.87
CA GLN A 28 -9.72 1.10 -2.37
C GLN A 28 -8.39 0.64 -1.77
N CYS A 29 -7.34 0.76 -2.56
CA CYS A 29 -6.00 0.39 -2.11
C CYS A 29 -5.52 1.40 -1.08
N LYS A 30 -5.14 0.91 0.09
CA LYS A 30 -4.67 1.80 1.14
C LYS A 30 -3.18 1.57 1.37
N CYS A 31 -2.41 2.64 1.28
CA CYS A 31 -0.97 2.57 1.47
C CYS A 31 -0.58 3.02 2.86
N VAL A 32 0.28 2.23 3.48
CA VAL A 32 0.78 2.53 4.82
C VAL A 32 2.27 2.76 4.73
N PHE A 33 2.72 3.85 5.33
CA PHE A 33 4.13 4.22 5.29
C PHE A 33 4.49 5.10 6.48
N VAL A 34 5.74 5.01 6.89
CA VAL A 34 6.22 5.79 8.03
C VAL A 34 6.97 7.03 7.54
N ARG A 35 7.29 7.91 8.47
CA ARG A 35 8.01 9.13 8.15
C ARG A 35 9.37 9.15 8.82
N GLY A 36 9.42 8.64 10.04
CA GLY A 36 10.67 8.60 10.78
C GLY A 36 10.51 7.86 12.09
N ALA A 1 -11.52 -1.16 -8.88
CA ALA A 1 -10.91 -2.47 -8.55
C ALA A 1 -9.94 -2.32 -7.38
N CYS A 2 -9.92 -3.31 -6.51
CA CYS A 2 -9.05 -3.28 -5.35
C CYS A 2 -8.66 -4.70 -4.94
N ASN A 3 -7.37 -4.95 -4.84
CA ASN A 3 -6.86 -6.26 -4.46
C ASN A 3 -5.65 -6.11 -3.56
N PHE A 4 -5.53 -6.98 -2.56
CA PHE A 4 -4.41 -6.92 -1.62
C PHE A 4 -3.06 -6.99 -2.34
N GLN A 5 -2.92 -7.95 -3.24
CA GLN A 5 -1.67 -8.13 -3.99
C GLN A 5 -1.35 -6.91 -4.86
N SER A 6 -2.35 -6.41 -5.56
CA SER A 6 -2.16 -5.25 -6.42
C SER A 6 -1.84 -4.01 -5.59
N CYS A 7 -2.57 -3.84 -4.49
CA CYS A 7 -2.37 -2.72 -3.61
C CYS A 7 -0.96 -2.73 -3.03
N TRP A 8 -0.51 -3.92 -2.60
CA TRP A 8 0.82 -4.08 -2.05
C TRP A 8 1.87 -3.61 -3.04
N ALA A 9 1.74 -4.05 -4.28
CA ALA A 9 2.68 -3.67 -5.34
C ALA A 9 2.65 -2.16 -5.58
N THR A 10 1.44 -1.60 -5.63
CA THR A 10 1.26 -0.17 -5.85
C THR A 10 1.92 0.65 -4.72
N CYS A 11 1.61 0.29 -3.47
CA CYS A 11 2.16 0.98 -2.32
C CYS A 11 3.68 0.79 -2.24
N GLN A 12 4.13 -0.41 -2.57
CA GLN A 12 5.55 -0.75 -2.55
C GLN A 12 6.33 0.07 -3.57
N ALA A 13 5.72 0.30 -4.71
CA ALA A 13 6.37 1.07 -5.78
C ALA A 13 6.47 2.55 -5.43
N GLN A 14 5.34 3.15 -5.05
CA GLN A 14 5.30 4.57 -4.71
C GLN A 14 6.09 4.87 -3.45
N HIS A 15 5.84 4.14 -2.38
CA HIS A 15 6.54 4.35 -1.13
C HIS A 15 7.90 3.68 -1.15
N SER A 16 8.92 4.43 -0.78
CA SER A 16 10.29 3.93 -0.79
C SER A 16 10.56 3.03 0.42
N ILE A 17 11.69 3.27 1.07
CA ILE A 17 12.10 2.49 2.24
C ILE A 17 11.24 2.78 3.47
N TYR A 18 10.29 3.69 3.33
CA TYR A 18 9.41 4.02 4.44
C TYR A 18 8.09 3.27 4.30
N PHE A 19 8.02 2.41 3.28
CA PHE A 19 6.85 1.59 3.05
C PHE A 19 6.76 0.53 4.13
N ARG A 20 5.63 0.48 4.83
CA ARG A 20 5.45 -0.51 5.88
C ARG A 20 4.64 -1.69 5.35
N ARG A 21 3.35 -1.47 5.19
CA ARG A 21 2.48 -2.51 4.65
C ARG A 21 1.41 -1.91 3.76
N ALA A 22 0.68 -2.77 3.09
CA ALA A 22 -0.40 -2.36 2.21
C ALA A 22 -1.54 -3.33 2.35
N PHE A 23 -2.75 -2.85 2.05
CA PHE A 23 -3.94 -3.67 2.15
C PHE A 23 -5.10 -2.98 1.46
N CYS A 24 -6.14 -3.73 1.16
CA CYS A 24 -7.31 -3.17 0.53
C CYS A 24 -8.36 -2.87 1.57
N ASP A 25 -8.65 -1.59 1.72
CA ASP A 25 -9.64 -1.12 2.68
C ASP A 25 -10.95 -0.89 1.96
N ARG A 26 -11.92 -1.77 2.25
CA ARG A 26 -13.24 -1.72 1.62
C ARG A 26 -13.11 -1.99 0.12
N SER A 27 -12.81 -0.95 -0.64
CA SER A 27 -12.62 -1.07 -2.07
C SER A 27 -11.63 0.00 -2.52
N GLN A 28 -10.69 0.31 -1.64
CA GLN A 28 -9.67 1.31 -1.90
C GLN A 28 -8.33 0.83 -1.38
N CYS A 29 -7.30 0.99 -2.18
CA CYS A 29 -5.95 0.59 -1.81
C CYS A 29 -5.42 1.54 -0.74
N LYS A 30 -5.11 1.01 0.43
CA LYS A 30 -4.61 1.82 1.53
C LYS A 30 -3.13 1.52 1.74
N CYS A 31 -2.31 2.55 1.66
CA CYS A 31 -0.88 2.41 1.84
C CYS A 31 -0.45 2.83 3.23
N VAL A 32 0.37 2.02 3.87
CA VAL A 32 0.89 2.32 5.19
C VAL A 32 2.36 2.68 5.08
N PHE A 33 2.74 3.78 5.70
CA PHE A 33 4.11 4.24 5.61
C PHE A 33 4.42 5.26 6.69
N VAL A 34 5.70 5.37 7.01
CA VAL A 34 6.16 6.34 7.99
C VAL A 34 6.69 7.57 7.30
N ARG A 35 6.81 8.65 8.04
CA ARG A 35 7.30 9.90 7.48
C ARG A 35 8.69 10.22 8.00
N GLY A 36 8.91 9.92 9.27
CA GLY A 36 10.18 10.17 9.89
C GLY A 36 10.09 10.04 11.39
N ALA A 1 -13.72 -2.81 -7.21
CA ALA A 1 -12.90 -4.00 -6.96
C ALA A 1 -11.47 -3.61 -6.61
N CYS A 2 -10.88 -4.29 -5.65
CA CYS A 2 -9.52 -4.00 -5.23
C CYS A 2 -8.76 -5.32 -5.02
N ASN A 3 -7.52 -5.35 -5.48
CA ASN A 3 -6.71 -6.55 -5.34
C ASN A 3 -5.64 -6.34 -4.28
N PHE A 4 -5.51 -7.31 -3.37
CA PHE A 4 -4.53 -7.23 -2.29
C PHE A 4 -3.11 -7.15 -2.82
N GLN A 5 -2.74 -8.10 -3.68
CA GLN A 5 -1.40 -8.13 -4.25
C GLN A 5 -1.13 -6.88 -5.07
N SER A 6 -2.14 -6.45 -5.83
CA SER A 6 -2.02 -5.26 -6.66
C SER A 6 -1.78 -4.04 -5.76
N CYS A 7 -2.54 -3.97 -4.67
CA CYS A 7 -2.41 -2.87 -3.72
C CYS A 7 -1.02 -2.87 -3.10
N TRP A 8 -0.58 -4.04 -2.64
CA TRP A 8 0.74 -4.19 -2.03
C TRP A 8 1.82 -3.72 -3.00
N ALA A 9 1.75 -4.21 -4.24
CA ALA A 9 2.70 -3.85 -5.26
C ALA A 9 2.71 -2.36 -5.53
N THR A 10 1.53 -1.76 -5.63
CA THR A 10 1.39 -0.34 -5.88
C THR A 10 2.03 0.47 -4.75
N CYS A 11 1.67 0.15 -3.51
CA CYS A 11 2.21 0.83 -2.34
C CYS A 11 3.71 0.61 -2.19
N GLN A 12 4.15 -0.62 -2.48
CA GLN A 12 5.56 -0.99 -2.37
C GLN A 12 6.39 -0.22 -3.40
N ALA A 13 5.85 -0.06 -4.60
CA ALA A 13 6.54 0.66 -5.66
C ALA A 13 6.65 2.14 -5.36
N GLN A 14 5.55 2.74 -4.93
CA GLN A 14 5.52 4.17 -4.62
C GLN A 14 6.32 4.50 -3.36
N HIS A 15 6.04 3.78 -2.28
CA HIS A 15 6.74 4.01 -1.03
C HIS A 15 8.00 3.17 -0.95
N SER A 16 9.14 3.82 -0.74
CA SER A 16 10.42 3.15 -0.66
C SER A 16 10.67 2.56 0.73
N ILE A 17 11.74 3.01 1.36
CA ILE A 17 12.12 2.54 2.70
C ILE A 17 11.13 3.00 3.77
N TYR A 18 10.12 3.74 3.34
CA TYR A 18 9.11 4.24 4.25
C TYR A 18 7.90 3.33 4.22
N PHE A 19 7.81 2.50 3.20
CA PHE A 19 6.70 1.57 3.03
C PHE A 19 6.70 0.55 4.16
N ARG A 20 5.54 0.36 4.77
CA ARG A 20 5.42 -0.60 5.85
C ARG A 20 4.62 -1.79 5.36
N ARG A 21 3.32 -1.59 5.17
CA ARG A 21 2.44 -2.64 4.67
C ARG A 21 1.40 -2.03 3.75
N ALA A 22 0.66 -2.89 3.07
CA ALA A 22 -0.38 -2.45 2.15
C ALA A 22 -1.57 -3.38 2.24
N PHE A 23 -2.76 -2.83 2.09
CA PHE A 23 -3.99 -3.61 2.16
C PHE A 23 -5.14 -2.82 1.56
N CYS A 24 -6.23 -3.49 1.24
CA CYS A 24 -7.36 -2.80 0.68
C CYS A 24 -8.38 -2.53 1.77
N ASP A 25 -8.75 -1.27 1.91
CA ASP A 25 -9.74 -0.86 2.87
C ASP A 25 -11.02 -0.51 2.13
N ARG A 26 -12.12 -1.14 2.52
CA ARG A 26 -13.41 -0.94 1.86
C ARG A 26 -13.32 -1.48 0.43
N SER A 27 -12.99 -0.59 -0.49
CA SER A 27 -12.83 -0.95 -1.89
C SER A 27 -11.81 0.00 -2.51
N GLN A 28 -10.83 0.38 -1.70
CA GLN A 28 -9.77 1.30 -2.12
C GLN A 28 -8.44 0.84 -1.53
N CYS A 29 -7.40 0.90 -2.34
CA CYS A 29 -6.07 0.50 -1.89
C CYS A 29 -5.56 1.46 -0.83
N LYS A 30 -5.06 0.91 0.27
CA LYS A 30 -4.54 1.71 1.36
C LYS A 30 -3.05 1.43 1.57
N CYS A 31 -2.26 2.48 1.50
CA CYS A 31 -0.82 2.35 1.67
C CYS A 31 -0.40 2.79 3.07
N VAL A 32 0.44 1.99 3.70
CA VAL A 32 0.93 2.30 5.03
C VAL A 32 2.40 2.64 4.93
N PHE A 33 2.79 3.73 5.56
CA PHE A 33 4.17 4.20 5.49
C PHE A 33 4.48 5.13 6.64
N VAL A 34 5.76 5.32 6.86
CA VAL A 34 6.23 6.21 7.92
C VAL A 34 6.59 7.57 7.35
N ARG A 35 6.62 8.57 8.21
CA ARG A 35 6.96 9.92 7.80
C ARG A 35 8.45 10.17 7.86
N GLY A 36 9.13 9.45 8.75
CA GLY A 36 10.56 9.60 8.88
C GLY A 36 11.17 8.48 9.68
N ALA A 1 -13.50 -4.85 -5.93
CA ALA A 1 -12.67 -4.20 -6.98
C ALA A 1 -11.36 -3.68 -6.40
N CYS A 2 -10.71 -4.50 -5.60
CA CYS A 2 -9.43 -4.15 -5.00
C CYS A 2 -8.61 -5.42 -4.80
N ASN A 3 -7.36 -5.38 -5.21
CA ASN A 3 -6.47 -6.54 -5.09
C ASN A 3 -5.38 -6.28 -4.07
N PHE A 4 -5.16 -7.23 -3.18
CA PHE A 4 -4.14 -7.11 -2.14
C PHE A 4 -2.74 -7.05 -2.74
N GLN A 5 -2.42 -8.02 -3.58
CA GLN A 5 -1.10 -8.08 -4.23
C GLN A 5 -0.87 -6.83 -5.06
N SER A 6 -1.89 -6.40 -5.79
CA SER A 6 -1.79 -5.21 -6.62
C SER A 6 -1.59 -3.98 -5.74
N CYS A 7 -2.34 -3.91 -4.64
CA CYS A 7 -2.24 -2.81 -3.70
C CYS A 7 -0.86 -2.78 -3.08
N TRP A 8 -0.39 -3.94 -2.62
CA TRP A 8 0.93 -4.06 -2.02
C TRP A 8 1.99 -3.61 -3.01
N ALA A 9 1.88 -4.09 -4.24
CA ALA A 9 2.81 -3.73 -5.29
C ALA A 9 2.83 -2.22 -5.53
N THR A 10 1.65 -1.62 -5.61
CA THR A 10 1.52 -0.19 -5.84
C THR A 10 2.15 0.60 -4.68
N CYS A 11 1.80 0.22 -3.45
CA CYS A 11 2.32 0.87 -2.27
C CYS A 11 3.84 0.67 -2.15
N GLN A 12 4.29 -0.54 -2.47
CA GLN A 12 5.70 -0.89 -2.41
C GLN A 12 6.49 -0.11 -3.45
N ALA A 13 5.94 -0.01 -4.66
CA ALA A 13 6.60 0.71 -5.74
C ALA A 13 6.72 2.19 -5.41
N GLN A 14 5.63 2.76 -4.91
CA GLN A 14 5.58 4.17 -4.56
C GLN A 14 6.41 4.48 -3.32
N HIS A 15 6.18 3.74 -2.25
CA HIS A 15 6.88 3.97 -1.00
C HIS A 15 8.14 3.11 -0.89
N SER A 16 9.27 3.76 -0.64
CA SER A 16 10.54 3.07 -0.55
C SER A 16 10.78 2.47 0.86
N ILE A 17 11.85 2.91 1.52
CA ILE A 17 12.22 2.39 2.85
C ILE A 17 11.22 2.76 3.94
N TYR A 18 10.26 3.62 3.64
CA TYR A 18 9.27 4.01 4.63
C TYR A 18 7.99 3.20 4.45
N PHE A 19 7.99 2.33 3.46
CA PHE A 19 6.84 1.47 3.19
C PHE A 19 6.71 0.42 4.28
N ARG A 20 5.58 0.39 4.94
CA ARG A 20 5.36 -0.59 5.98
C ARG A 20 4.52 -1.74 5.45
N ARG A 21 3.24 -1.48 5.22
CA ARG A 21 2.35 -2.50 4.69
C ARG A 21 1.34 -1.88 3.73
N ALA A 22 0.59 -2.74 3.07
CA ALA A 22 -0.42 -2.33 2.12
C ALA A 22 -1.62 -3.26 2.25
N PHE A 23 -2.80 -2.72 2.02
CA PHE A 23 -4.02 -3.52 2.12
C PHE A 23 -5.19 -2.80 1.49
N CYS A 24 -6.29 -3.51 1.30
CA CYS A 24 -7.48 -2.91 0.74
C CYS A 24 -8.44 -2.54 1.86
N ASP A 25 -8.69 -1.26 2.00
CA ASP A 25 -9.60 -0.75 3.01
C ASP A 25 -10.94 -0.48 2.35
N ARG A 26 -11.96 -1.22 2.76
CA ARG A 26 -13.30 -1.12 2.19
C ARG A 26 -13.28 -1.55 0.72
N SER A 27 -12.94 -0.62 -0.15
CA SER A 27 -12.85 -0.87 -1.57
C SER A 27 -11.80 0.06 -2.18
N GLN A 28 -10.81 0.40 -1.36
CA GLN A 28 -9.73 1.29 -1.78
C GLN A 28 -8.39 0.77 -1.30
N CYS A 29 -7.38 0.89 -2.14
CA CYS A 29 -6.04 0.48 -1.77
C CYS A 29 -5.48 1.46 -0.75
N LYS A 30 -5.01 0.94 0.38
CA LYS A 30 -4.47 1.78 1.43
C LYS A 30 -2.99 1.49 1.63
N CYS A 31 -2.18 2.52 1.51
CA CYS A 31 -0.75 2.39 1.69
C CYS A 31 -0.34 2.85 3.07
N VAL A 32 0.48 2.06 3.74
CA VAL A 32 0.95 2.39 5.06
C VAL A 32 2.42 2.78 5.00
N PHE A 33 2.72 3.97 5.46
CA PHE A 33 4.07 4.48 5.42
C PHE A 33 4.28 5.52 6.51
N VAL A 34 5.50 5.62 6.97
CA VAL A 34 5.84 6.58 8.01
C VAL A 34 6.47 7.81 7.42
N ARG A 35 6.53 8.87 8.21
CA ARG A 35 7.11 10.12 7.79
C ARG A 35 8.32 10.43 8.67
N GLY A 36 8.20 10.07 9.93
CA GLY A 36 9.26 10.29 10.88
C GLY A 36 8.88 9.75 12.23
N ALA A 1 -14.04 -2.97 -5.95
CA ALA A 1 -13.11 -4.03 -6.41
C ALA A 1 -11.68 -3.62 -6.13
N CYS A 2 -10.94 -4.48 -5.45
CA CYS A 2 -9.56 -4.20 -5.11
C CYS A 2 -8.77 -5.50 -4.96
N ASN A 3 -7.51 -5.46 -5.34
CA ASN A 3 -6.64 -6.63 -5.26
C ASN A 3 -5.54 -6.39 -4.23
N PHE A 4 -5.38 -7.34 -3.30
CA PHE A 4 -4.39 -7.23 -2.24
C PHE A 4 -2.98 -7.08 -2.79
N GLN A 5 -2.56 -8.05 -3.60
CA GLN A 5 -1.21 -8.02 -4.18
C GLN A 5 -1.00 -6.77 -5.02
N SER A 6 -2.02 -6.41 -5.78
CA SER A 6 -1.96 -5.22 -6.62
C SER A 6 -1.73 -3.99 -5.74
N CYS A 7 -2.49 -3.91 -4.65
CA CYS A 7 -2.36 -2.80 -3.71
C CYS A 7 -0.97 -2.80 -3.09
N TRP A 8 -0.52 -3.98 -2.65
CA TRP A 8 0.78 -4.14 -2.04
C TRP A 8 1.86 -3.61 -2.98
N ALA A 9 1.81 -4.06 -4.24
CA ALA A 9 2.77 -3.62 -5.24
C ALA A 9 2.69 -2.13 -5.48
N THR A 10 1.47 -1.59 -5.49
CA THR A 10 1.25 -0.18 -5.70
C THR A 10 1.95 0.64 -4.61
N CYS A 11 1.74 0.24 -3.37
CA CYS A 11 2.35 0.92 -2.24
C CYS A 11 3.85 0.67 -2.19
N GLN A 12 4.24 -0.55 -2.53
CA GLN A 12 5.64 -0.96 -2.53
C GLN A 12 6.45 -0.21 -3.58
N ALA A 13 5.87 -0.02 -4.75
CA ALA A 13 6.54 0.66 -5.85
C ALA A 13 6.73 2.15 -5.58
N GLN A 14 5.68 2.83 -5.16
CA GLN A 14 5.75 4.26 -4.88
C GLN A 14 6.59 4.56 -3.64
N HIS A 15 6.25 3.95 -2.53
CA HIS A 15 6.94 4.18 -1.28
C HIS A 15 8.29 3.46 -1.26
N SER A 16 9.30 4.17 -0.79
CA SER A 16 10.66 3.65 -0.72
C SER A 16 10.87 2.81 0.56
N ILE A 17 11.99 3.02 1.24
CA ILE A 17 12.31 2.29 2.47
C ILE A 17 11.39 2.68 3.62
N TYR A 18 10.43 3.54 3.35
CA TYR A 18 9.50 4.00 4.37
C TYR A 18 8.20 3.19 4.26
N PHE A 19 8.14 2.34 3.25
CA PHE A 19 6.98 1.48 3.02
C PHE A 19 6.87 0.45 4.14
N ARG A 20 5.71 0.42 4.79
CA ARG A 20 5.48 -0.52 5.87
C ARG A 20 4.67 -1.71 5.34
N ARG A 21 3.38 -1.50 5.16
CA ARG A 21 2.51 -2.54 4.65
C ARG A 21 1.45 -1.94 3.72
N ALA A 22 0.70 -2.81 3.08
CA ALA A 22 -0.34 -2.39 2.17
C ALA A 22 -1.55 -3.31 2.31
N PHE A 23 -2.73 -2.74 2.10
CA PHE A 23 -3.96 -3.50 2.19
C PHE A 23 -5.09 -2.72 1.54
N CYS A 24 -6.19 -3.39 1.27
CA CYS A 24 -7.32 -2.72 0.66
C CYS A 24 -8.31 -2.31 1.72
N ASP A 25 -8.62 -1.03 1.74
CA ASP A 25 -9.56 -0.49 2.70
C ASP A 25 -10.82 -0.07 1.96
N ARG A 26 -11.94 -0.68 2.33
CA ARG A 26 -13.23 -0.42 1.70
C ARG A 26 -13.23 -0.93 0.27
N SER A 27 -12.79 -0.08 -0.66
CA SER A 27 -12.70 -0.45 -2.07
C SER A 27 -11.57 0.34 -2.71
N GLN A 28 -10.58 0.69 -1.89
CA GLN A 28 -9.43 1.45 -2.36
C GLN A 28 -8.15 0.94 -1.71
N CYS A 29 -7.05 1.08 -2.42
CA CYS A 29 -5.77 0.66 -1.91
C CYS A 29 -5.31 1.60 -0.81
N LYS A 30 -4.93 1.04 0.34
CA LYS A 30 -4.47 1.85 1.45
C LYS A 30 -3.00 1.55 1.71
N CYS A 31 -2.18 2.57 1.59
CA CYS A 31 -0.75 2.42 1.76
C CYS A 31 -0.29 2.88 3.14
N VAL A 32 0.53 2.07 3.77
CA VAL A 32 1.08 2.38 5.08
C VAL A 32 2.54 2.75 4.92
N PHE A 33 2.90 3.93 5.39
CA PHE A 33 4.27 4.42 5.25
C PHE A 33 4.53 5.53 6.25
N VAL A 34 5.78 5.66 6.63
CA VAL A 34 6.16 6.70 7.57
C VAL A 34 6.76 7.89 6.84
N ARG A 35 6.72 9.03 7.49
CA ARG A 35 7.26 10.26 6.94
C ARG A 35 8.50 10.68 7.70
N GLY A 36 8.47 10.45 9.00
CA GLY A 36 9.58 10.79 9.86
C GLY A 36 9.24 10.51 11.31
N ALA A 1 -12.95 -2.30 -7.55
CA ALA A 1 -12.43 -3.57 -6.99
C ALA A 1 -11.01 -3.38 -6.50
N CYS A 2 -10.70 -3.99 -5.37
CA CYS A 2 -9.38 -3.89 -4.77
C CYS A 2 -8.69 -5.25 -4.72
N ASN A 3 -7.37 -5.25 -4.87
CA ASN A 3 -6.59 -6.47 -4.84
C ASN A 3 -5.41 -6.31 -3.88
N PHE A 4 -5.19 -7.31 -3.04
CA PHE A 4 -4.11 -7.26 -2.05
C PHE A 4 -2.73 -7.16 -2.70
N GLN A 5 -2.42 -8.10 -3.59
CA GLN A 5 -1.12 -8.11 -4.27
C GLN A 5 -0.94 -6.83 -5.07
N SER A 6 -1.97 -6.45 -5.83
CA SER A 6 -1.93 -5.25 -6.64
C SER A 6 -1.68 -4.02 -5.76
N CYS A 7 -2.35 -3.96 -4.62
CA CYS A 7 -2.20 -2.84 -3.70
C CYS A 7 -0.79 -2.86 -3.10
N TRP A 8 -0.37 -4.01 -2.62
CA TRP A 8 0.95 -4.18 -2.02
C TRP A 8 2.03 -3.75 -3.01
N ALA A 9 1.93 -4.26 -4.24
CA ALA A 9 2.89 -3.95 -5.28
C ALA A 9 2.93 -2.44 -5.56
N THR A 10 1.74 -1.84 -5.66
CA THR A 10 1.63 -0.41 -5.94
C THR A 10 2.25 0.42 -4.82
N CYS A 11 1.83 0.17 -3.59
CA CYS A 11 2.34 0.89 -2.44
C CYS A 11 3.84 0.67 -2.25
N GLN A 12 4.30 -0.56 -2.48
CA GLN A 12 5.71 -0.91 -2.33
C GLN A 12 6.57 -0.21 -3.37
N ALA A 13 6.09 -0.14 -4.60
CA ALA A 13 6.84 0.48 -5.68
C ALA A 13 6.88 1.99 -5.52
N GLN A 14 5.74 2.59 -5.23
CA GLN A 14 5.63 4.03 -5.07
C GLN A 14 6.34 4.52 -3.82
N HIS A 15 6.10 3.87 -2.68
CA HIS A 15 6.75 4.25 -1.44
C HIS A 15 8.16 3.69 -1.39
N SER A 16 9.08 4.45 -0.83
CA SER A 16 10.47 4.03 -0.74
C SER A 16 10.71 3.09 0.44
N ILE A 17 11.83 3.25 1.13
CA ILE A 17 12.18 2.40 2.26
C ILE A 17 11.30 2.66 3.49
N TYR A 18 10.39 3.61 3.39
CA TYR A 18 9.50 3.93 4.49
C TYR A 18 8.14 3.26 4.31
N PHE A 19 8.10 2.29 3.40
CA PHE A 19 6.89 1.53 3.13
C PHE A 19 6.66 0.53 4.25
N ARG A 20 5.48 0.54 4.83
CA ARG A 20 5.15 -0.39 5.89
C ARG A 20 4.37 -1.57 5.33
N ARG A 21 3.08 -1.36 5.11
CA ARG A 21 2.24 -2.41 4.54
C ARG A 21 1.22 -1.82 3.58
N ALA A 22 0.49 -2.69 2.92
CA ALA A 22 -0.54 -2.28 1.98
C ALA A 22 -1.72 -3.22 2.11
N PHE A 23 -2.93 -2.69 2.00
CA PHE A 23 -4.12 -3.50 2.11
C PHE A 23 -5.31 -2.81 1.49
N CYS A 24 -6.43 -3.52 1.40
CA CYS A 24 -7.63 -2.94 0.84
C CYS A 24 -8.55 -2.45 1.94
N ASP A 25 -8.79 -1.15 1.92
CA ASP A 25 -9.66 -0.52 2.88
C ASP A 25 -10.96 -0.16 2.18
N ARG A 26 -12.06 -0.76 2.64
CA ARG A 26 -13.37 -0.54 2.05
C ARG A 26 -13.40 -1.09 0.62
N SER A 27 -12.98 -0.26 -0.32
CA SER A 27 -12.92 -0.64 -1.72
C SER A 27 -11.81 0.15 -2.41
N GLN A 28 -10.80 0.49 -1.63
CA GLN A 28 -9.68 1.26 -2.13
C GLN A 28 -8.36 0.70 -1.60
N CYS A 29 -7.32 0.87 -2.39
CA CYS A 29 -6.00 0.43 -1.99
C CYS A 29 -5.44 1.42 -0.99
N LYS A 30 -5.12 0.95 0.19
CA LYS A 30 -4.59 1.82 1.23
C LYS A 30 -3.11 1.54 1.44
N CYS A 31 -2.31 2.58 1.31
CA CYS A 31 -0.88 2.46 1.49
C CYS A 31 -0.46 2.93 2.86
N VAL A 32 0.35 2.13 3.53
CA VAL A 32 0.83 2.47 4.86
C VAL A 32 2.32 2.80 4.78
N PHE A 33 2.68 3.95 5.31
CA PHE A 33 4.06 4.40 5.26
C PHE A 33 4.33 5.44 6.33
N VAL A 34 5.57 5.50 6.76
CA VAL A 34 5.99 6.47 7.77
C VAL A 34 6.70 7.63 7.10
N ARG A 35 6.78 8.74 7.81
CA ARG A 35 7.42 9.94 7.28
C ARG A 35 8.75 10.19 7.99
N GLY A 36 9.02 9.36 8.99
CA GLY A 36 10.24 9.47 9.75
C GLY A 36 10.34 8.35 10.77
N ALA A 1 -12.94 -3.87 -8.12
CA ALA A 1 -12.42 -4.79 -7.09
C ALA A 1 -10.99 -4.42 -6.70
N CYS A 2 -10.73 -4.40 -5.41
CA CYS A 2 -9.40 -4.07 -4.90
C CYS A 2 -8.59 -5.34 -4.74
N ASN A 3 -7.38 -5.35 -5.28
CA ASN A 3 -6.53 -6.53 -5.20
C ASN A 3 -5.40 -6.32 -4.19
N PHE A 4 -5.21 -7.30 -3.31
CA PHE A 4 -4.18 -7.23 -2.29
C PHE A 4 -2.79 -7.17 -2.91
N GLN A 5 -2.49 -8.11 -3.79
CA GLN A 5 -1.19 -8.17 -4.45
C GLN A 5 -0.94 -6.88 -5.23
N SER A 6 -1.97 -6.44 -5.95
CA SER A 6 -1.88 -5.21 -6.74
C SER A 6 -1.66 -4.00 -5.83
N CYS A 7 -2.41 -3.94 -4.74
CA CYS A 7 -2.29 -2.83 -3.79
C CYS A 7 -0.90 -2.80 -3.19
N TRP A 8 -0.39 -3.96 -2.79
CA TRP A 8 0.94 -4.07 -2.22
C TRP A 8 1.98 -3.53 -3.19
N ALA A 9 1.85 -3.94 -4.45
CA ALA A 9 2.76 -3.50 -5.51
C ALA A 9 2.68 -1.99 -5.70
N THR A 10 1.45 -1.47 -5.71
CA THR A 10 1.21 -0.05 -5.88
C THR A 10 1.88 0.76 -4.77
N CYS A 11 1.67 0.33 -3.54
CA CYS A 11 2.24 1.00 -2.37
C CYS A 11 3.75 0.85 -2.31
N GLN A 12 4.25 -0.33 -2.61
CA GLN A 12 5.68 -0.61 -2.57
C GLN A 12 6.43 0.11 -3.69
N ALA A 13 5.78 0.27 -4.84
CA ALA A 13 6.39 0.95 -5.97
C ALA A 13 6.65 2.42 -5.65
N GLN A 14 5.69 3.07 -5.01
CA GLN A 14 5.82 4.46 -4.65
C GLN A 14 6.63 4.63 -3.37
N HIS A 15 6.20 3.96 -2.31
CA HIS A 15 6.89 4.03 -1.02
C HIS A 15 8.06 3.06 -0.99
N SER A 16 9.26 3.59 -0.79
CA SER A 16 10.46 2.77 -0.76
C SER A 16 10.78 2.24 0.65
N ILE A 17 11.81 2.79 1.27
CA ILE A 17 12.24 2.35 2.61
C ILE A 17 11.27 2.81 3.71
N TYR A 18 10.34 3.67 3.36
CA TYR A 18 9.36 4.15 4.33
C TYR A 18 8.07 3.36 4.20
N PHE A 19 8.09 2.36 3.33
CA PHE A 19 6.94 1.50 3.10
C PHE A 19 6.79 0.49 4.23
N ARG A 20 5.60 0.42 4.81
CA ARG A 20 5.33 -0.52 5.88
C ARG A 20 4.60 -1.74 5.30
N ARG A 21 3.31 -1.58 5.08
CA ARG A 21 2.51 -2.64 4.50
C ARG A 21 1.46 -2.04 3.57
N ALA A 22 0.67 -2.90 2.95
CA ALA A 22 -0.38 -2.47 2.04
C ALA A 22 -1.58 -3.37 2.22
N PHE A 23 -2.76 -2.82 2.02
CA PHE A 23 -3.99 -3.58 2.16
C PHE A 23 -5.15 -2.81 1.55
N CYS A 24 -6.26 -3.48 1.35
CA CYS A 24 -7.43 -2.82 0.80
C CYS A 24 -8.37 -2.39 1.90
N ASP A 25 -8.58 -1.10 1.99
CA ASP A 25 -9.47 -0.54 2.98
C ASP A 25 -10.80 -0.24 2.31
N ARG A 26 -11.85 -0.93 2.75
CA ARG A 26 -13.18 -0.79 2.18
C ARG A 26 -13.19 -1.30 0.73
N SER A 27 -12.85 -0.42 -0.19
CA SER A 27 -12.78 -0.77 -1.60
C SER A 27 -11.75 0.12 -2.28
N GLN A 28 -10.75 0.50 -1.51
CA GLN A 28 -9.68 1.36 -1.99
C GLN A 28 -8.33 0.86 -1.48
N CYS A 29 -7.32 0.95 -2.32
CA CYS A 29 -5.98 0.52 -1.95
C CYS A 29 -5.43 1.48 -0.88
N LYS A 30 -5.01 0.94 0.24
CA LYS A 30 -4.48 1.76 1.31
C LYS A 30 -3.01 1.48 1.52
N CYS A 31 -2.22 2.52 1.44
CA CYS A 31 -0.78 2.40 1.61
C CYS A 31 -0.35 2.83 2.99
N VAL A 32 0.47 2.01 3.63
CA VAL A 32 0.98 2.30 4.95
C VAL A 32 2.43 2.72 4.82
N PHE A 33 2.78 3.84 5.43
CA PHE A 33 4.12 4.36 5.33
C PHE A 33 4.40 5.32 6.47
N VAL A 34 5.68 5.45 6.79
CA VAL A 34 6.10 6.34 7.85
C VAL A 34 6.57 7.67 7.29
N ARG A 35 6.59 8.67 8.14
CA ARG A 35 7.03 10.00 7.75
C ARG A 35 8.33 10.35 8.45
N GLY A 36 8.49 9.87 9.68
CA GLY A 36 9.68 10.15 10.43
C GLY A 36 9.88 9.15 11.55
N ALA A 1 -11.09 -1.29 -8.98
CA ALA A 1 -10.50 -2.58 -8.58
C ALA A 1 -9.64 -2.42 -7.33
N CYS A 2 -9.70 -3.40 -6.45
CA CYS A 2 -8.92 -3.36 -5.23
C CYS A 2 -8.59 -4.78 -4.79
N ASN A 3 -7.31 -5.06 -4.68
CA ASN A 3 -6.83 -6.38 -4.29
C ASN A 3 -5.62 -6.24 -3.37
N PHE A 4 -5.53 -7.09 -2.36
CA PHE A 4 -4.44 -7.05 -1.40
C PHE A 4 -3.07 -7.06 -2.08
N GLN A 5 -2.85 -8.06 -2.93
CA GLN A 5 -1.58 -8.19 -3.64
C GLN A 5 -1.35 -7.00 -4.58
N SER A 6 -2.40 -6.58 -5.26
CA SER A 6 -2.31 -5.45 -6.19
C SER A 6 -1.98 -4.17 -5.43
N CYS A 7 -2.67 -3.96 -4.31
CA CYS A 7 -2.46 -2.78 -3.48
C CYS A 7 -1.04 -2.80 -2.91
N TRP A 8 -0.61 -3.97 -2.43
CA TRP A 8 0.72 -4.13 -1.88
C TRP A 8 1.77 -3.73 -2.91
N ALA A 9 1.60 -4.24 -4.13
CA ALA A 9 2.51 -3.94 -5.22
C ALA A 9 2.51 -2.45 -5.53
N THR A 10 1.33 -1.85 -5.48
CA THR A 10 1.19 -0.43 -5.75
C THR A 10 1.90 0.40 -4.69
N CYS A 11 1.58 0.12 -3.43
CA CYS A 11 2.18 0.83 -2.30
C CYS A 11 3.68 0.59 -2.20
N GLN A 12 4.12 -0.66 -2.45
CA GLN A 12 5.54 -1.00 -2.38
C GLN A 12 6.32 -0.26 -3.45
N ALA A 13 5.73 -0.13 -4.63
CA ALA A 13 6.39 0.57 -5.73
C ALA A 13 6.41 2.06 -5.49
N GLN A 14 5.27 2.60 -5.08
CA GLN A 14 5.13 4.03 -4.82
C GLN A 14 5.99 4.48 -3.64
N HIS A 15 5.87 3.80 -2.52
CA HIS A 15 6.63 4.14 -1.33
C HIS A 15 7.91 3.33 -1.25
N SER A 16 9.02 4.01 -1.02
CA SER A 16 10.33 3.36 -0.94
C SER A 16 10.55 2.65 0.40
N ILE A 17 11.69 2.92 1.05
CA ILE A 17 12.02 2.26 2.33
C ILE A 17 11.14 2.76 3.47
N TYR A 18 10.20 3.63 3.17
CA TYR A 18 9.30 4.16 4.18
C TYR A 18 8.00 3.37 4.17
N PHE A 19 7.85 2.55 3.14
CA PHE A 19 6.67 1.70 2.99
C PHE A 19 6.60 0.69 4.12
N ARG A 20 5.47 0.67 4.80
CA ARG A 20 5.28 -0.27 5.89
C ARG A 20 4.49 -1.48 5.40
N ARG A 21 3.19 -1.28 5.21
CA ARG A 21 2.34 -2.34 4.72
C ARG A 21 1.29 -1.77 3.78
N ALA A 22 0.58 -2.65 3.10
CA ALA A 22 -0.47 -2.26 2.17
C ALA A 22 -1.63 -3.23 2.28
N PHE A 23 -2.83 -2.74 2.09
CA PHE A 23 -4.02 -3.59 2.19
C PHE A 23 -5.20 -2.94 1.48
N CYS A 24 -6.24 -3.71 1.24
CA CYS A 24 -7.41 -3.19 0.58
C CYS A 24 -8.47 -2.83 1.60
N ASP A 25 -8.74 -1.54 1.69
CA ASP A 25 -9.73 -1.01 2.63
C ASP A 25 -11.02 -0.77 1.86
N ARG A 26 -12.05 -1.55 2.18
CA ARG A 26 -13.35 -1.47 1.52
C ARG A 26 -13.21 -1.82 0.05
N SER A 27 -12.90 -0.82 -0.76
CA SER A 27 -12.70 -1.01 -2.19
C SER A 27 -11.71 0.04 -2.67
N GLN A 28 -10.78 0.38 -1.79
CA GLN A 28 -9.76 1.37 -2.07
C GLN A 28 -8.42 0.93 -1.52
N CYS A 29 -7.39 1.01 -2.35
CA CYS A 29 -6.05 0.62 -1.94
C CYS A 29 -5.53 1.56 -0.85
N LYS A 30 -5.14 1.02 0.28
CA LYS A 30 -4.63 1.83 1.38
C LYS A 30 -3.15 1.57 1.58
N CYS A 31 -2.35 2.62 1.51
CA CYS A 31 -0.92 2.51 1.67
C CYS A 31 -0.47 2.99 3.04
N VAL A 32 0.37 2.19 3.68
CA VAL A 32 0.91 2.53 4.99
C VAL A 32 2.38 2.84 4.84
N PHE A 33 2.83 3.95 5.40
CA PHE A 33 4.21 4.37 5.27
C PHE A 33 4.57 5.44 6.29
N VAL A 34 5.85 5.52 6.60
CA VAL A 34 6.34 6.51 7.55
C VAL A 34 6.91 7.71 6.82
N ARG A 35 7.25 8.74 7.57
CA ARG A 35 7.80 9.96 6.98
C ARG A 35 8.97 10.45 7.81
N GLY A 36 9.65 9.52 8.47
CA GLY A 36 10.78 9.88 9.29
C GLY A 36 10.34 10.54 10.58
N ALA A 1 -13.09 -2.30 -7.33
CA ALA A 1 -12.44 -3.56 -6.91
C ALA A 1 -11.02 -3.30 -6.45
N CYS A 2 -10.61 -3.98 -5.39
CA CYS A 2 -9.28 -3.81 -4.84
C CYS A 2 -8.59 -5.17 -4.68
N ASN A 3 -7.35 -5.25 -5.12
CA ASN A 3 -6.58 -6.48 -5.03
C ASN A 3 -5.46 -6.30 -4.00
N PHE A 4 -5.33 -7.23 -3.08
CA PHE A 4 -4.31 -7.15 -2.04
C PHE A 4 -2.91 -7.17 -2.66
N GLN A 5 -2.65 -8.16 -3.50
CA GLN A 5 -1.35 -8.30 -4.16
C GLN A 5 -1.03 -7.07 -4.98
N SER A 6 -2.03 -6.55 -5.68
CA SER A 6 -1.85 -5.36 -6.52
C SER A 6 -1.56 -4.15 -5.63
N CYS A 7 -2.34 -4.01 -4.57
CA CYS A 7 -2.19 -2.89 -3.64
C CYS A 7 -0.78 -2.90 -3.04
N TRP A 8 -0.34 -4.08 -2.62
CA TRP A 8 0.98 -4.24 -2.04
C TRP A 8 2.04 -3.79 -3.03
N ALA A 9 1.91 -4.24 -4.27
CA ALA A 9 2.85 -3.88 -5.33
C ALA A 9 2.87 -2.38 -5.57
N THR A 10 1.68 -1.79 -5.62
CA THR A 10 1.56 -0.36 -5.83
C THR A 10 2.21 0.41 -4.69
N CYS A 11 1.85 0.07 -3.46
CA CYS A 11 2.40 0.70 -2.27
C CYS A 11 3.91 0.51 -2.17
N GLN A 12 4.37 -0.69 -2.50
CA GLN A 12 5.79 -1.01 -2.46
C GLN A 12 6.57 -0.14 -3.44
N ALA A 13 5.95 0.12 -4.59
CA ALA A 13 6.55 0.95 -5.62
C ALA A 13 6.51 2.43 -5.24
N GLN A 14 5.35 2.87 -4.76
CA GLN A 14 5.16 4.27 -4.38
C GLN A 14 6.03 4.66 -3.18
N HIS A 15 6.13 3.77 -2.21
CA HIS A 15 6.90 4.04 -1.01
C HIS A 15 8.21 3.27 -0.99
N SER A 16 9.29 3.99 -0.76
CA SER A 16 10.62 3.39 -0.72
C SER A 16 10.90 2.70 0.63
N ILE A 17 11.95 3.14 1.30
CA ILE A 17 12.34 2.58 2.59
C ILE A 17 11.35 2.95 3.70
N TYR A 18 10.34 3.72 3.34
CA TYR A 18 9.32 4.15 4.28
C TYR A 18 8.10 3.25 4.20
N PHE A 19 8.09 2.38 3.20
CA PHE A 19 6.99 1.45 3.00
C PHE A 19 6.91 0.44 4.14
N ARG A 20 5.74 0.36 4.76
CA ARG A 20 5.53 -0.58 5.83
C ARG A 20 4.77 -1.79 5.28
N ARG A 21 3.48 -1.62 5.10
CA ARG A 21 2.65 -2.68 4.54
C ARG A 21 1.56 -2.08 3.65
N ALA A 22 0.72 -2.93 3.11
CA ALA A 22 -0.37 -2.51 2.25
C ALA A 22 -1.61 -3.34 2.50
N PHE A 23 -2.77 -2.76 2.23
CA PHE A 23 -4.04 -3.44 2.43
C PHE A 23 -5.16 -2.67 1.74
N CYS A 24 -6.28 -3.32 1.55
CA CYS A 24 -7.42 -2.65 0.93
C CYS A 24 -8.37 -2.19 2.01
N ASP A 25 -8.60 -0.90 2.05
CA ASP A 25 -9.49 -0.31 3.02
C ASP A 25 -10.82 -0.08 2.33
N ARG A 26 -11.83 -0.83 2.75
CA ARG A 26 -13.17 -0.77 2.16
C ARG A 26 -13.13 -1.27 0.72
N SER A 27 -12.80 -0.38 -0.19
CA SER A 27 -12.69 -0.72 -1.61
C SER A 27 -11.66 0.20 -2.25
N GLN A 28 -10.66 0.57 -1.46
CA GLN A 28 -9.59 1.45 -1.92
C GLN A 28 -8.26 0.97 -1.38
N CYS A 29 -7.26 0.93 -2.24
CA CYS A 29 -5.92 0.50 -1.84
C CYS A 29 -5.35 1.51 -0.85
N LYS A 30 -4.94 1.03 0.31
CA LYS A 30 -4.38 1.90 1.33
C LYS A 30 -2.93 1.52 1.60
N CYS A 31 -2.05 2.50 1.45
CA CYS A 31 -0.63 2.29 1.67
C CYS A 31 -0.20 2.75 3.04
N VAL A 32 0.60 1.93 3.71
CA VAL A 32 1.10 2.27 5.03
C VAL A 32 2.54 2.71 4.90
N PHE A 33 2.86 3.85 5.48
CA PHE A 33 4.19 4.40 5.38
C PHE A 33 4.50 5.36 6.52
N VAL A 34 5.78 5.47 6.82
CA VAL A 34 6.24 6.37 7.87
C VAL A 34 6.74 7.66 7.27
N ARG A 35 6.85 8.69 8.10
CA ARG A 35 7.31 10.00 7.64
C ARG A 35 8.18 10.65 8.70
N GLY A 36 8.97 9.83 9.38
CA GLY A 36 9.85 10.34 10.41
C GLY A 36 11.10 10.97 9.82
N ALA A 1 -11.85 -2.50 -8.52
CA ALA A 1 -11.80 -3.54 -7.47
C ALA A 1 -10.44 -3.54 -6.80
N CYS A 2 -10.42 -3.70 -5.49
CA CYS A 2 -9.17 -3.70 -4.75
C CYS A 2 -8.59 -5.11 -4.65
N ASN A 3 -7.29 -5.22 -4.88
CA ASN A 3 -6.60 -6.49 -4.81
C ASN A 3 -5.41 -6.35 -3.87
N PHE A 4 -5.29 -7.26 -2.92
CA PHE A 4 -4.21 -7.21 -1.92
C PHE A 4 -2.82 -7.18 -2.56
N GLN A 5 -2.53 -8.18 -3.38
CA GLN A 5 -1.22 -8.26 -4.02
C GLN A 5 -0.94 -7.03 -4.88
N SER A 6 -1.96 -6.58 -5.60
CA SER A 6 -1.84 -5.41 -6.45
C SER A 6 -1.61 -4.15 -5.61
N CYS A 7 -2.40 -4.00 -4.56
CA CYS A 7 -2.29 -2.85 -3.67
C CYS A 7 -0.90 -2.82 -3.04
N TRP A 8 -0.45 -3.97 -2.56
CA TRP A 8 0.86 -4.10 -1.95
C TRP A 8 1.94 -3.64 -2.93
N ALA A 9 1.86 -4.14 -4.15
CA ALA A 9 2.82 -3.79 -5.20
C ALA A 9 2.77 -2.30 -5.52
N THR A 10 1.56 -1.75 -5.59
CA THR A 10 1.36 -0.34 -5.89
C THR A 10 1.97 0.55 -4.81
N CYS A 11 1.64 0.26 -3.56
CA CYS A 11 2.16 1.02 -2.42
C CYS A 11 3.67 0.87 -2.31
N GLN A 12 4.17 -0.34 -2.51
CA GLN A 12 5.59 -0.63 -2.43
C GLN A 12 6.37 0.06 -3.54
N ALA A 13 5.72 0.21 -4.71
CA ALA A 13 6.35 0.84 -5.85
C ALA A 13 6.53 2.34 -5.63
N GLN A 14 5.50 2.97 -5.10
CA GLN A 14 5.53 4.41 -4.85
C GLN A 14 6.36 4.75 -3.62
N HIS A 15 6.05 4.11 -2.50
CA HIS A 15 6.75 4.35 -1.26
C HIS A 15 8.10 3.65 -1.24
N SER A 16 9.11 4.34 -0.75
CA SER A 16 10.47 3.82 -0.71
C SER A 16 10.67 2.87 0.49
N ILE A 17 11.73 3.13 1.26
CA ILE A 17 12.06 2.33 2.43
C ILE A 17 11.17 2.69 3.61
N TYR A 18 10.24 3.59 3.37
CA TYR A 18 9.31 4.03 4.42
C TYR A 18 8.00 3.28 4.28
N PHE A 19 7.93 2.39 3.30
CA PHE A 19 6.75 1.60 3.06
C PHE A 19 6.56 0.60 4.20
N ARG A 20 5.40 0.63 4.81
CA ARG A 20 5.12 -0.28 5.90
C ARG A 20 4.31 -1.46 5.41
N ARG A 21 3.02 -1.23 5.17
CA ARG A 21 2.14 -2.27 4.69
C ARG A 21 1.13 -1.70 3.70
N ALA A 22 0.41 -2.60 3.04
CA ALA A 22 -0.60 -2.22 2.08
C ALA A 22 -1.78 -3.15 2.21
N PHE A 23 -2.98 -2.64 2.02
CA PHE A 23 -4.18 -3.45 2.15
C PHE A 23 -5.36 -2.77 1.49
N CYS A 24 -6.46 -3.49 1.40
CA CYS A 24 -7.67 -2.92 0.83
C CYS A 24 -8.59 -2.45 1.92
N ASP A 25 -8.84 -1.16 1.93
CA ASP A 25 -9.74 -0.57 2.89
C ASP A 25 -11.08 -0.38 2.21
N ARG A 26 -12.05 -1.20 2.62
CA ARG A 26 -13.38 -1.21 2.03
C ARG A 26 -13.32 -1.70 0.59
N SER A 27 -13.02 -0.79 -0.32
CA SER A 27 -12.88 -1.12 -1.72
C SER A 27 -11.88 -0.16 -2.37
N GLN A 28 -10.91 0.26 -1.56
CA GLN A 28 -9.88 1.19 -2.00
C GLN A 28 -8.51 0.71 -1.52
N CYS A 29 -7.52 0.83 -2.37
CA CYS A 29 -6.16 0.45 -2.01
C CYS A 29 -5.60 1.45 -1.01
N LYS A 30 -5.25 0.98 0.17
CA LYS A 30 -4.72 1.86 1.20
C LYS A 30 -3.23 1.59 1.42
N CYS A 31 -2.44 2.63 1.32
CA CYS A 31 -1.00 2.53 1.50
C CYS A 31 -0.59 3.03 2.87
N VAL A 32 0.26 2.26 3.54
CA VAL A 32 0.76 2.62 4.85
C VAL A 32 2.24 2.93 4.73
N PHE A 33 2.66 4.03 5.34
CA PHE A 33 4.05 4.45 5.26
C PHE A 33 4.42 5.32 6.43
N VAL A 34 5.69 5.28 6.81
CA VAL A 34 6.19 6.07 7.91
C VAL A 34 6.86 7.34 7.41
N ARG A 35 7.05 8.27 8.32
CA ARG A 35 7.69 9.55 8.01
C ARG A 35 8.59 9.97 9.15
N GLY A 36 9.37 9.02 9.65
CA GLY A 36 10.26 9.29 10.76
C GLY A 36 9.59 9.11 12.11
N ALA A 1 -13.52 -4.47 -7.62
CA ALA A 1 -12.88 -5.30 -6.56
C ALA A 1 -11.43 -4.90 -6.38
N CYS A 2 -11.01 -4.83 -5.13
CA CYS A 2 -9.64 -4.46 -4.80
C CYS A 2 -8.80 -5.71 -4.56
N ASN A 3 -7.61 -5.75 -5.11
CA ASN A 3 -6.73 -6.91 -4.95
C ASN A 3 -5.57 -6.60 -4.01
N PHE A 4 -5.31 -7.52 -3.09
CA PHE A 4 -4.24 -7.34 -2.10
C PHE A 4 -2.88 -7.15 -2.76
N GLN A 5 -2.50 -8.09 -3.61
CA GLN A 5 -1.21 -8.02 -4.31
C GLN A 5 -1.10 -6.74 -5.12
N SER A 6 -2.18 -6.35 -5.76
CA SER A 6 -2.21 -5.14 -6.56
C SER A 6 -1.95 -3.92 -5.68
N CYS A 7 -2.64 -3.87 -4.55
CA CYS A 7 -2.48 -2.77 -3.61
C CYS A 7 -1.07 -2.76 -3.03
N TRP A 8 -0.58 -3.93 -2.63
CA TRP A 8 0.75 -4.06 -2.06
C TRP A 8 1.80 -3.55 -3.05
N ALA A 9 1.72 -4.01 -4.30
CA ALA A 9 2.65 -3.59 -5.33
C ALA A 9 2.60 -2.09 -5.57
N THR A 10 1.38 -1.55 -5.62
CA THR A 10 1.18 -0.12 -5.84
C THR A 10 1.84 0.71 -4.73
N CYS A 11 1.61 0.31 -3.49
CA CYS A 11 2.19 1.01 -2.34
C CYS A 11 3.70 0.78 -2.26
N GLN A 12 4.12 -0.43 -2.59
CA GLN A 12 5.53 -0.81 -2.56
C GLN A 12 6.33 -0.02 -3.59
N ALA A 13 5.76 0.14 -4.77
CA ALA A 13 6.42 0.86 -5.85
C ALA A 13 6.59 2.33 -5.52
N GLN A 14 5.54 2.97 -5.02
CA GLN A 14 5.58 4.39 -4.68
C GLN A 14 6.42 4.68 -3.45
N HIS A 15 6.16 3.98 -2.37
CA HIS A 15 6.87 4.20 -1.12
C HIS A 15 8.20 3.45 -1.09
N SER A 16 9.23 4.15 -0.63
CA SER A 16 10.57 3.59 -0.54
C SER A 16 10.75 2.78 0.74
N ILE A 17 11.85 3.04 1.44
CA ILE A 17 12.17 2.34 2.69
C ILE A 17 11.21 2.71 3.82
N TYR A 18 10.28 3.60 3.54
CA TYR A 18 9.31 4.01 4.54
C TYR A 18 8.01 3.23 4.36
N PHE A 19 7.98 2.39 3.32
CA PHE A 19 6.83 1.55 3.04
C PHE A 19 6.69 0.49 4.12
N ARG A 20 5.54 0.44 4.76
CA ARG A 20 5.32 -0.53 5.80
C ARG A 20 4.51 -1.70 5.26
N ARG A 21 3.23 -1.47 5.06
CA ARG A 21 2.36 -2.50 4.52
C ARG A 21 1.33 -1.87 3.59
N ALA A 22 0.53 -2.71 2.97
CA ALA A 22 -0.51 -2.27 2.08
C ALA A 22 -1.73 -3.14 2.27
N PHE A 23 -2.91 -2.56 2.21
CA PHE A 23 -4.14 -3.30 2.39
C PHE A 23 -5.29 -2.59 1.73
N CYS A 24 -6.38 -3.30 1.51
CA CYS A 24 -7.54 -2.70 0.92
C CYS A 24 -8.52 -2.32 2.00
N ASP A 25 -8.82 -1.06 2.06
CA ASP A 25 -9.77 -0.54 3.02
C ASP A 25 -11.10 -0.37 2.33
N ARG A 26 -12.09 -1.14 2.79
CA ARG A 26 -13.42 -1.14 2.20
C ARG A 26 -13.36 -1.69 0.77
N SER A 27 -13.07 -0.81 -0.17
CA SER A 27 -12.93 -1.18 -1.56
C SER A 27 -11.94 -0.23 -2.24
N GLN A 28 -10.97 0.22 -1.46
CA GLN A 28 -9.94 1.13 -1.94
C GLN A 28 -8.58 0.75 -1.38
N CYS A 29 -7.56 0.82 -2.21
CA CYS A 29 -6.20 0.50 -1.81
C CYS A 29 -5.68 1.54 -0.83
N LYS A 30 -5.21 1.08 0.32
CA LYS A 30 -4.66 1.97 1.33
C LYS A 30 -3.18 1.68 1.54
N CYS A 31 -2.37 2.71 1.44
CA CYS A 31 -0.92 2.56 1.61
C CYS A 31 -0.48 2.97 3.00
N VAL A 32 0.37 2.17 3.61
CA VAL A 32 0.89 2.45 4.92
C VAL A 32 2.35 2.83 4.83
N PHE A 33 2.69 3.97 5.38
CA PHE A 33 4.05 4.48 5.32
C PHE A 33 4.33 5.35 6.52
N VAL A 34 5.57 5.36 6.95
CA VAL A 34 5.98 6.15 8.09
C VAL A 34 6.59 7.47 7.68
N ARG A 35 6.62 8.39 8.61
CA ARG A 35 7.18 9.71 8.39
C ARG A 35 8.15 10.05 9.50
N GLY A 36 8.94 9.06 9.88
CA GLY A 36 9.91 9.24 10.93
C GLY A 36 10.57 7.93 11.28
N ALA A 1 -11.58 -0.78 -8.28
CA ALA A 1 -10.86 -2.06 -8.08
C ALA A 1 -10.03 -2.01 -6.80
N CYS A 2 -9.98 -3.12 -6.09
CA CYS A 2 -9.23 -3.20 -4.86
C CYS A 2 -8.74 -4.64 -4.66
N ASN A 3 -7.43 -4.81 -4.63
CA ASN A 3 -6.81 -6.12 -4.47
C ASN A 3 -5.59 -6.03 -3.58
N PHE A 4 -5.47 -6.96 -2.65
CA PHE A 4 -4.36 -6.98 -1.69
C PHE A 4 -3.00 -6.99 -2.39
N GLN A 5 -2.78 -7.96 -3.26
CA GLN A 5 -1.51 -8.08 -3.98
C GLN A 5 -1.24 -6.85 -4.84
N SER A 6 -2.27 -6.41 -5.56
CA SER A 6 -2.16 -5.25 -6.43
C SER A 6 -1.83 -3.99 -5.60
N CYS A 7 -2.52 -3.85 -4.48
CA CYS A 7 -2.32 -2.71 -3.59
C CYS A 7 -0.91 -2.74 -3.02
N TRP A 8 -0.47 -3.91 -2.57
CA TRP A 8 0.86 -4.07 -2.01
C TRP A 8 1.92 -3.63 -3.01
N ALA A 9 1.77 -4.08 -4.25
CA ALA A 9 2.69 -3.73 -5.31
C ALA A 9 2.70 -2.22 -5.56
N THR A 10 1.51 -1.65 -5.62
CA THR A 10 1.35 -0.21 -5.85
C THR A 10 2.00 0.61 -4.73
N CYS A 11 1.65 0.30 -3.50
CA CYS A 11 2.17 1.01 -2.34
C CYS A 11 3.69 0.83 -2.20
N GLN A 12 4.16 -0.39 -2.45
CA GLN A 12 5.59 -0.70 -2.34
C GLN A 12 6.40 0.02 -3.42
N ALA A 13 5.88 0.01 -4.64
CA ALA A 13 6.56 0.64 -5.76
C ALA A 13 6.55 2.16 -5.63
N GLN A 14 5.47 2.71 -5.11
CA GLN A 14 5.33 4.15 -4.95
C GLN A 14 6.11 4.67 -3.74
N HIS A 15 5.90 4.06 -2.57
CA HIS A 15 6.60 4.47 -1.36
C HIS A 15 7.98 3.87 -1.30
N SER A 16 8.97 4.66 -0.88
CA SER A 16 10.34 4.19 -0.80
C SER A 16 10.59 3.26 0.39
N ILE A 17 11.69 3.51 1.09
CA ILE A 17 12.07 2.70 2.26
C ILE A 17 11.19 3.02 3.47
N TYR A 18 10.23 3.91 3.27
CA TYR A 18 9.33 4.30 4.33
C TYR A 18 8.04 3.50 4.24
N PHE A 19 7.96 2.64 3.22
CA PHE A 19 6.80 1.79 3.02
C PHE A 19 6.68 0.78 4.14
N ARG A 20 5.51 0.71 4.76
CA ARG A 20 5.28 -0.22 5.84
C ARG A 20 4.54 -1.45 5.31
N ARG A 21 3.24 -1.31 5.11
CA ARG A 21 2.43 -2.39 4.59
C ARG A 21 1.36 -1.84 3.66
N ALA A 22 0.63 -2.72 3.02
CA ALA A 22 -0.44 -2.36 2.12
C ALA A 22 -1.59 -3.34 2.26
N PHE A 23 -2.79 -2.87 2.05
CA PHE A 23 -3.97 -3.73 2.17
C PHE A 23 -5.17 -3.08 1.50
N CYS A 24 -6.23 -3.86 1.33
CA CYS A 24 -7.44 -3.36 0.71
C CYS A 24 -8.45 -2.97 1.78
N ASP A 25 -8.70 -1.67 1.87
CA ASP A 25 -9.65 -1.15 2.84
C ASP A 25 -10.96 -0.85 2.13
N ARG A 26 -11.98 -1.66 2.43
CA ARG A 26 -13.30 -1.53 1.82
C ARG A 26 -13.23 -1.80 0.31
N SER A 27 -12.93 -0.76 -0.45
CA SER A 27 -12.81 -0.88 -1.89
C SER A 27 -11.80 0.15 -2.38
N GLN A 28 -10.80 0.38 -1.55
CA GLN A 28 -9.74 1.34 -1.84
C GLN A 28 -8.40 0.80 -1.37
N CYS A 29 -7.37 0.99 -2.18
CA CYS A 29 -6.03 0.55 -1.83
C CYS A 29 -5.46 1.47 -0.75
N LYS A 30 -5.15 0.91 0.41
CA LYS A 30 -4.61 1.70 1.49
C LYS A 30 -3.11 1.47 1.61
N CYS A 31 -2.35 2.55 1.51
CA CYS A 31 -0.91 2.47 1.61
C CYS A 31 -0.46 2.92 2.99
N VAL A 32 0.37 2.11 3.61
CA VAL A 32 0.90 2.42 4.93
C VAL A 32 2.38 2.76 4.82
N PHE A 33 2.77 3.85 5.44
CA PHE A 33 4.14 4.31 5.37
C PHE A 33 4.46 5.24 6.53
N VAL A 34 5.73 5.32 6.86
CA VAL A 34 6.18 6.18 7.94
C VAL A 34 6.69 7.50 7.41
N ARG A 35 6.76 8.49 8.27
CA ARG A 35 7.24 9.81 7.89
C ARG A 35 8.48 10.17 8.69
N GLY A 36 9.28 9.16 8.98
CA GLY A 36 10.49 9.34 9.74
C GLY A 36 11.21 8.03 9.97
N ALA A 1 -12.28 -1.28 -8.54
CA ALA A 1 -11.51 -2.53 -8.36
C ALA A 1 -10.45 -2.33 -7.28
N CYS A 2 -10.27 -3.35 -6.45
CA CYS A 2 -9.29 -3.30 -5.38
C CYS A 2 -8.77 -4.71 -5.10
N ASN A 3 -7.46 -4.81 -4.93
CA ASN A 3 -6.81 -6.10 -4.68
C ASN A 3 -5.69 -5.94 -3.66
N PHE A 4 -5.61 -6.88 -2.72
CA PHE A 4 -4.60 -6.85 -1.67
C PHE A 4 -3.18 -6.86 -2.24
N GLN A 5 -2.88 -7.88 -3.04
CA GLN A 5 -1.56 -8.01 -3.64
C GLN A 5 -1.26 -6.85 -4.58
N SER A 6 -2.24 -6.49 -5.40
CA SER A 6 -2.07 -5.39 -6.33
C SER A 6 -1.81 -4.08 -5.58
N CYS A 7 -2.52 -3.90 -4.47
CA CYS A 7 -2.34 -2.72 -3.64
C CYS A 7 -0.95 -2.70 -3.04
N TRP A 8 -0.51 -3.87 -2.55
CA TRP A 8 0.81 -4.01 -1.97
C TRP A 8 1.89 -3.54 -2.94
N ALA A 9 1.81 -4.02 -4.17
CA ALA A 9 2.77 -3.65 -5.21
C ALA A 9 2.70 -2.15 -5.49
N THR A 10 1.49 -1.62 -5.58
CA THR A 10 1.27 -0.21 -5.86
C THR A 10 1.91 0.67 -4.77
N CYS A 11 1.57 0.37 -3.52
CA CYS A 11 2.10 1.12 -2.38
C CYS A 11 3.61 0.99 -2.27
N GLN A 12 4.11 -0.22 -2.50
CA GLN A 12 5.54 -0.50 -2.41
C GLN A 12 6.30 0.24 -3.51
N ALA A 13 5.69 0.36 -4.68
CA ALA A 13 6.33 1.04 -5.81
C ALA A 13 6.44 2.54 -5.57
N GLN A 14 5.34 3.15 -5.13
CA GLN A 14 5.31 4.59 -4.87
C GLN A 14 6.13 4.97 -3.65
N HIS A 15 5.87 4.30 -2.53
CA HIS A 15 6.58 4.59 -1.29
C HIS A 15 7.97 3.98 -1.31
N SER A 16 8.94 4.72 -0.78
CA SER A 16 10.33 4.29 -0.75
C SER A 16 10.58 3.26 0.36
N ILE A 17 11.70 3.43 1.06
CA ILE A 17 12.09 2.55 2.15
C ILE A 17 11.27 2.83 3.41
N TYR A 18 10.30 3.72 3.29
CA TYR A 18 9.45 4.09 4.40
C TYR A 18 8.14 3.30 4.34
N PHE A 19 7.99 2.53 3.27
CA PHE A 19 6.81 1.70 3.07
C PHE A 19 6.70 0.67 4.19
N ARG A 20 5.54 0.62 4.82
CA ARG A 20 5.31 -0.34 5.89
C ARG A 20 4.57 -1.56 5.34
N ARG A 21 3.27 -1.40 5.13
CA ARG A 21 2.46 -2.46 4.58
C ARG A 21 1.41 -1.87 3.65
N ALA A 22 0.72 -2.73 2.93
CA ALA A 22 -0.32 -2.32 2.03
C ALA A 22 -1.45 -3.32 2.09
N PHE A 23 -2.67 -2.84 1.92
CA PHE A 23 -3.82 -3.72 1.99
C PHE A 23 -5.03 -3.05 1.36
N CYS A 24 -6.03 -3.84 1.04
CA CYS A 24 -7.24 -3.31 0.45
C CYS A 24 -8.30 -3.15 1.53
N ASP A 25 -8.68 -1.92 1.79
CA ASP A 25 -9.69 -1.62 2.78
C ASP A 25 -10.99 -1.29 2.09
N ARG A 26 -12.05 -2.01 2.45
CA ARG A 26 -13.36 -1.82 1.85
C ARG A 26 -13.29 -2.11 0.35
N SER A 27 -13.02 -1.07 -0.42
CA SER A 27 -12.88 -1.17 -1.86
C SER A 27 -11.91 -0.10 -2.32
N GLN A 28 -10.91 0.17 -1.48
CA GLN A 28 -9.90 1.17 -1.76
C GLN A 28 -8.53 0.67 -1.33
N CYS A 29 -7.53 0.92 -2.16
CA CYS A 29 -6.17 0.53 -1.86
C CYS A 29 -5.60 1.45 -0.79
N LYS A 30 -5.16 0.89 0.32
CA LYS A 30 -4.60 1.70 1.39
C LYS A 30 -3.11 1.44 1.55
N CYS A 31 -2.35 2.53 1.56
CA CYS A 31 -0.91 2.45 1.69
C CYS A 31 -0.47 2.87 3.08
N VAL A 32 0.40 2.07 3.69
CA VAL A 32 0.92 2.35 5.01
C VAL A 32 2.40 2.67 4.89
N PHE A 33 2.83 3.74 5.55
CA PHE A 33 4.22 4.16 5.48
C PHE A 33 4.55 5.13 6.59
N VAL A 34 5.82 5.21 6.93
CA VAL A 34 6.27 6.13 7.96
C VAL A 34 6.84 7.38 7.33
N ARG A 35 7.01 8.41 8.15
CA ARG A 35 7.52 9.68 7.67
C ARG A 35 8.89 9.97 8.28
N GLY A 36 9.05 9.57 9.53
CA GLY A 36 10.30 9.78 10.22
C GLY A 36 10.25 9.24 11.64
N ALA A 1 -13.79 -4.05 -7.38
CA ALA A 1 -13.31 -4.40 -6.02
C ALA A 1 -11.85 -3.97 -5.85
N CYS A 2 -11.09 -4.73 -5.08
CA CYS A 2 -9.70 -4.39 -4.85
C CYS A 2 -8.87 -5.65 -4.62
N ASN A 3 -7.68 -5.69 -5.22
CA ASN A 3 -6.80 -6.84 -5.09
C ASN A 3 -5.65 -6.52 -4.14
N PHE A 4 -5.43 -7.40 -3.17
CA PHE A 4 -4.37 -7.21 -2.17
C PHE A 4 -3.00 -7.15 -2.81
N GLN A 5 -2.69 -8.13 -3.66
CA GLN A 5 -1.41 -8.20 -4.34
C GLN A 5 -1.16 -6.92 -5.14
N SER A 6 -2.21 -6.43 -5.77
CA SER A 6 -2.14 -5.20 -6.54
C SER A 6 -1.83 -4.03 -5.63
N CYS A 7 -2.56 -3.93 -4.54
CA CYS A 7 -2.38 -2.84 -3.58
C CYS A 7 -0.97 -2.86 -3.01
N TRP A 8 -0.52 -4.02 -2.57
CA TRP A 8 0.82 -4.18 -2.02
C TRP A 8 1.87 -3.73 -3.02
N ALA A 9 1.74 -4.19 -4.26
CA ALA A 9 2.67 -3.84 -5.32
C ALA A 9 2.64 -2.34 -5.60
N THR A 10 1.45 -1.76 -5.65
CA THR A 10 1.28 -0.34 -5.92
C THR A 10 1.96 0.49 -4.82
N CYS A 11 1.70 0.14 -3.57
CA CYS A 11 2.28 0.83 -2.43
C CYS A 11 3.79 0.66 -2.40
N GLN A 12 4.25 -0.55 -2.71
CA GLN A 12 5.68 -0.85 -2.72
C GLN A 12 6.40 -0.07 -3.81
N ALA A 13 5.76 0.07 -4.97
CA ALA A 13 6.35 0.79 -6.08
C ALA A 13 6.58 2.26 -5.74
N GLN A 14 5.59 2.87 -5.11
CA GLN A 14 5.67 4.28 -4.74
C GLN A 14 6.55 4.49 -3.51
N HIS A 15 6.22 3.80 -2.43
CA HIS A 15 6.94 3.94 -1.18
C HIS A 15 8.14 3.00 -1.12
N SER A 16 9.30 3.56 -0.82
CA SER A 16 10.53 2.79 -0.74
C SER A 16 10.80 2.24 0.67
N ILE A 17 11.88 2.68 1.28
CA ILE A 17 12.27 2.22 2.62
C ILE A 17 11.32 2.70 3.71
N TYR A 18 10.41 3.59 3.35
CA TYR A 18 9.45 4.10 4.32
C TYR A 18 8.14 3.32 4.21
N PHE A 19 8.11 2.41 3.25
CA PHE A 19 6.94 1.55 3.03
C PHE A 19 6.85 0.52 4.15
N ARG A 20 5.72 0.47 4.81
CA ARG A 20 5.52 -0.49 5.88
C ARG A 20 4.74 -1.67 5.35
N ARG A 21 3.45 -1.48 5.16
CA ARG A 21 2.61 -2.53 4.62
C ARG A 21 1.57 -1.92 3.70
N ALA A 22 0.74 -2.77 3.11
CA ALA A 22 -0.32 -2.34 2.22
C ALA A 22 -1.54 -3.19 2.45
N PHE A 23 -2.70 -2.61 2.23
CA PHE A 23 -3.96 -3.31 2.41
C PHE A 23 -5.08 -2.55 1.73
N CYS A 24 -6.18 -3.22 1.47
CA CYS A 24 -7.30 -2.56 0.85
C CYS A 24 -8.32 -2.17 1.91
N ASP A 25 -8.58 -0.90 2.00
CA ASP A 25 -9.55 -0.39 2.95
C ASP A 25 -10.86 -0.17 2.23
N ARG A 26 -11.91 -0.84 2.71
CA ARG A 26 -13.23 -0.78 2.08
C ARG A 26 -13.16 -1.38 0.68
N SER A 27 -12.86 -0.54 -0.31
CA SER A 27 -12.72 -0.98 -1.69
C SER A 27 -11.70 -0.10 -2.38
N GLN A 28 -10.75 0.40 -1.60
CA GLN A 28 -9.70 1.28 -2.09
C GLN A 28 -8.36 0.88 -1.50
N CYS A 29 -7.34 0.90 -2.32
CA CYS A 29 -5.99 0.55 -1.87
C CYS A 29 -5.48 1.60 -0.88
N LYS A 30 -4.93 1.14 0.23
CA LYS A 30 -4.39 2.04 1.24
C LYS A 30 -2.94 1.67 1.52
N CYS A 31 -2.08 2.66 1.47
CA CYS A 31 -0.66 2.44 1.69
C CYS A 31 -0.22 2.89 3.07
N VAL A 32 0.59 2.08 3.71
CA VAL A 32 1.12 2.39 5.02
C VAL A 32 2.57 2.82 4.88
N PHE A 33 2.88 4.01 5.34
CA PHE A 33 4.22 4.54 5.22
C PHE A 33 4.50 5.60 6.27
N VAL A 34 5.76 5.69 6.66
CA VAL A 34 6.17 6.67 7.65
C VAL A 34 6.77 7.90 6.98
N ARG A 35 7.02 8.92 7.77
CA ARG A 35 7.61 10.15 7.28
C ARG A 35 8.91 10.43 8.01
N GLY A 36 8.92 10.11 9.30
CA GLY A 36 10.09 10.34 10.12
C GLY A 36 9.87 9.86 11.53
N ALA A 1 -10.22 -2.48 -9.57
CA ALA A 1 -10.66 -3.35 -8.46
C ALA A 1 -9.68 -3.29 -7.30
N CYS A 2 -10.18 -3.48 -6.09
CA CYS A 2 -9.34 -3.45 -4.91
C CYS A 2 -8.79 -4.85 -4.64
N ASN A 3 -7.48 -4.95 -4.53
CA ASN A 3 -6.82 -6.23 -4.31
C ASN A 3 -5.67 -6.07 -3.34
N PHE A 4 -5.51 -7.03 -2.42
CA PHE A 4 -4.47 -6.98 -1.41
C PHE A 4 -3.07 -6.96 -2.04
N GLN A 5 -2.75 -7.96 -2.84
CA GLN A 5 -1.45 -8.05 -3.49
C GLN A 5 -1.24 -6.85 -4.41
N SER A 6 -2.26 -6.52 -5.19
CA SER A 6 -2.19 -5.39 -6.09
C SER A 6 -1.94 -4.10 -5.32
N CYS A 7 -2.60 -3.95 -4.18
CA CYS A 7 -2.43 -2.78 -3.34
C CYS A 7 -1.02 -2.75 -2.78
N TRP A 8 -0.56 -3.91 -2.29
CA TRP A 8 0.77 -4.05 -1.75
C TRP A 8 1.82 -3.60 -2.77
N ALA A 9 1.69 -4.11 -3.99
CA ALA A 9 2.60 -3.76 -5.06
C ALA A 9 2.57 -2.26 -5.35
N THR A 10 1.35 -1.72 -5.42
CA THR A 10 1.16 -0.30 -5.67
C THR A 10 1.82 0.57 -4.59
N CYS A 11 1.51 0.27 -3.33
CA CYS A 11 2.07 1.01 -2.21
C CYS A 11 3.58 0.83 -2.13
N GLN A 12 4.05 -0.39 -2.38
CA GLN A 12 5.46 -0.70 -2.34
C GLN A 12 6.21 0.05 -3.46
N ALA A 13 5.58 0.13 -4.62
CA ALA A 13 6.19 0.82 -5.76
C ALA A 13 6.21 2.33 -5.55
N GLN A 14 5.11 2.87 -5.04
CA GLN A 14 5.01 4.30 -4.79
C GLN A 14 5.88 4.74 -3.61
N HIS A 15 5.80 4.00 -2.52
CA HIS A 15 6.56 4.34 -1.32
C HIS A 15 7.98 3.79 -1.38
N SER A 16 8.92 4.58 -0.88
CA SER A 16 10.32 4.21 -0.88
C SER A 16 10.66 3.25 0.27
N ILE A 17 11.77 3.52 0.95
CA ILE A 17 12.23 2.69 2.05
C ILE A 17 11.40 2.87 3.31
N TYR A 18 10.46 3.81 3.27
CA TYR A 18 9.60 4.06 4.42
C TYR A 18 8.26 3.36 4.27
N PHE A 19 8.21 2.41 3.33
CA PHE A 19 7.01 1.64 3.08
C PHE A 19 6.82 0.61 4.19
N ARG A 20 5.65 0.60 4.80
CA ARG A 20 5.39 -0.35 5.87
C ARG A 20 4.58 -1.51 5.31
N ARG A 21 3.29 -1.32 5.18
CA ARG A 21 2.42 -2.37 4.65
C ARG A 21 1.34 -1.76 3.77
N ALA A 22 0.59 -2.62 3.12
CA ALA A 22 -0.49 -2.22 2.25
C ALA A 22 -1.63 -3.20 2.40
N PHE A 23 -2.85 -2.72 2.24
CA PHE A 23 -4.02 -3.58 2.37
C PHE A 23 -5.21 -2.97 1.65
N CYS A 24 -6.24 -3.77 1.44
CA CYS A 24 -7.43 -3.29 0.78
C CYS A 24 -8.47 -2.89 1.80
N ASP A 25 -8.82 -1.62 1.79
CA ASP A 25 -9.81 -1.09 2.72
C ASP A 25 -11.11 -0.84 1.98
N ARG A 26 -12.11 -1.65 2.29
CA ARG A 26 -13.43 -1.56 1.64
C ARG A 26 -13.32 -1.89 0.15
N SER A 27 -13.00 -0.89 -0.64
CA SER A 27 -12.83 -1.05 -2.07
C SER A 27 -11.82 -0.01 -2.55
N GLN A 28 -10.87 0.29 -1.68
CA GLN A 28 -9.83 1.26 -1.96
C GLN A 28 -8.49 0.78 -1.40
N CYS A 29 -7.43 0.95 -2.16
CA CYS A 29 -6.10 0.57 -1.73
C CYS A 29 -5.59 1.54 -0.67
N LYS A 30 -5.21 1.00 0.49
CA LYS A 30 -4.71 1.83 1.58
C LYS A 30 -3.22 1.57 1.78
N CYS A 31 -2.43 2.63 1.68
CA CYS A 31 -0.99 2.54 1.84
C CYS A 31 -0.55 2.97 3.23
N VAL A 32 0.35 2.20 3.82
CA VAL A 32 0.88 2.49 5.14
C VAL A 32 2.36 2.83 5.00
N PHE A 33 2.76 3.97 5.53
CA PHE A 33 4.13 4.42 5.43
C PHE A 33 4.49 5.35 6.57
N VAL A 34 5.76 5.33 6.95
CA VAL A 34 6.25 6.18 8.02
C VAL A 34 6.96 7.40 7.47
N ARG A 35 7.22 8.36 8.34
CA ARG A 35 7.91 9.58 7.95
C ARG A 35 8.96 9.94 9.00
N GLY A 36 9.56 8.91 9.57
CA GLY A 36 10.57 9.09 10.58
C GLY A 36 11.07 7.75 11.08
N ALA A 1 -12.78 -4.36 -8.50
CA ALA A 1 -12.51 -4.74 -7.09
C ALA A 1 -11.05 -4.45 -6.75
N CYS A 2 -10.79 -4.21 -5.47
CA CYS A 2 -9.44 -3.92 -5.01
C CYS A 2 -8.72 -5.22 -4.68
N ASN A 3 -7.50 -5.36 -5.16
CA ASN A 3 -6.72 -6.56 -4.91
C ASN A 3 -5.62 -6.29 -3.90
N PHE A 4 -5.45 -7.19 -2.95
CA PHE A 4 -4.44 -7.04 -1.92
C PHE A 4 -3.04 -7.02 -2.53
N GLN A 5 -2.76 -7.98 -3.39
CA GLN A 5 -1.46 -8.08 -4.04
C GLN A 5 -1.17 -6.87 -4.92
N SER A 6 -2.19 -6.41 -5.65
CA SER A 6 -2.02 -5.26 -6.52
C SER A 6 -1.74 -4.01 -5.68
N CYS A 7 -2.46 -3.88 -4.57
CA CYS A 7 -2.31 -2.76 -3.66
C CYS A 7 -0.90 -2.79 -3.07
N TRP A 8 -0.48 -3.97 -2.63
CA TRP A 8 0.85 -4.17 -2.07
C TRP A 8 1.92 -3.74 -3.06
N ALA A 9 1.75 -4.15 -4.31
CA ALA A 9 2.70 -3.80 -5.37
C ALA A 9 2.72 -2.30 -5.60
N THR A 10 1.53 -1.70 -5.66
CA THR A 10 1.39 -0.27 -5.86
C THR A 10 2.05 0.51 -4.73
N CYS A 11 1.71 0.15 -3.50
CA CYS A 11 2.27 0.80 -2.33
C CYS A 11 3.78 0.63 -2.27
N GLN A 12 4.26 -0.57 -2.62
CA GLN A 12 5.68 -0.85 -2.61
C GLN A 12 6.40 -0.07 -3.71
N ALA A 13 5.70 0.16 -4.82
CA ALA A 13 6.27 0.90 -5.93
C ALA A 13 6.36 2.39 -5.60
N GLN A 14 5.31 2.90 -4.96
CA GLN A 14 5.25 4.31 -4.58
C GLN A 14 6.17 4.60 -3.41
N HIS A 15 6.12 3.76 -2.39
CA HIS A 15 6.93 3.95 -1.19
C HIS A 15 8.21 3.14 -1.22
N SER A 16 9.33 3.81 -0.99
CA SER A 16 10.63 3.18 -1.00
C SER A 16 10.95 2.52 0.35
N ILE A 17 12.06 2.91 0.97
CA ILE A 17 12.48 2.33 2.25
C ILE A 17 11.55 2.72 3.40
N TYR A 18 10.57 3.56 3.13
CA TYR A 18 9.62 3.99 4.16
C TYR A 18 8.34 3.17 4.08
N PHE A 19 8.29 2.26 3.12
CA PHE A 19 7.13 1.40 2.92
C PHE A 19 6.98 0.43 4.09
N ARG A 20 5.80 0.41 4.68
CA ARG A 20 5.52 -0.49 5.78
C ARG A 20 4.76 -1.70 5.26
N ARG A 21 3.46 -1.52 5.08
CA ARG A 21 2.60 -2.57 4.56
C ARG A 21 1.55 -1.97 3.65
N ALA A 22 0.72 -2.83 3.08
CA ALA A 22 -0.35 -2.40 2.19
C ALA A 22 -1.59 -3.24 2.43
N PHE A 23 -2.74 -2.65 2.16
CA PHE A 23 -4.02 -3.34 2.33
C PHE A 23 -5.11 -2.54 1.69
N CYS A 24 -6.22 -3.18 1.39
CA CYS A 24 -7.34 -2.47 0.80
C CYS A 24 -8.33 -2.10 1.88
N ASP A 25 -8.61 -0.83 1.97
CA ASP A 25 -9.55 -0.31 2.94
C ASP A 25 -10.87 -0.08 2.22
N ARG A 26 -11.89 -0.85 2.61
CA ARG A 26 -13.20 -0.80 1.98
C ARG A 26 -13.09 -1.33 0.55
N SER A 27 -12.76 -0.45 -0.37
CA SER A 27 -12.58 -0.81 -1.78
C SER A 27 -11.56 0.12 -2.41
N GLN A 28 -10.64 0.59 -1.59
CA GLN A 28 -9.59 1.49 -2.03
C GLN A 28 -8.24 1.04 -1.47
N CYS A 29 -7.21 1.11 -2.30
CA CYS A 29 -5.88 0.71 -1.87
C CYS A 29 -5.36 1.70 -0.83
N LYS A 30 -4.91 1.18 0.31
CA LYS A 30 -4.39 2.02 1.38
C LYS A 30 -2.93 1.65 1.63
N CYS A 31 -2.07 2.65 1.53
CA CYS A 31 -0.65 2.44 1.72
C CYS A 31 -0.18 2.89 3.09
N VAL A 32 0.61 2.06 3.74
CA VAL A 32 1.14 2.38 5.06
C VAL A 32 2.62 2.72 4.92
N PHE A 33 3.01 3.85 5.50
CA PHE A 33 4.39 4.31 5.39
C PHE A 33 4.70 5.31 6.49
N VAL A 34 5.97 5.43 6.80
CA VAL A 34 6.43 6.35 7.82
C VAL A 34 6.91 7.64 7.19
N ARG A 35 6.96 8.68 7.98
CA ARG A 35 7.40 9.98 7.49
C ARG A 35 8.76 10.33 8.09
N GLY A 36 8.94 9.95 9.35
CA GLY A 36 10.18 10.21 10.03
C GLY A 36 10.18 9.59 11.41
#